data_3CGP
# 
_entry.id   3CGP 
# 
_audit_conform.dict_name       mmcif_pdbx.dic 
_audit_conform.dict_version    5.389 
_audit_conform.dict_location   http://mmcif.pdb.org/dictionaries/ascii/mmcif_pdbx.dic 
# 
loop_
_database_2.database_id 
_database_2.database_code 
_database_2.pdbx_database_accession 
_database_2.pdbx_DOI 
PDB   3CGP         pdb_00003cgp 10.2210/pdb3cgp/pdb 
NDB   AR0093       ?            ?                   
RCSB  RCSB046755   ?            ?                   
WWPDB D_1000046755 ?            ?                   
# 
loop_
_pdbx_audit_revision_history.ordinal 
_pdbx_audit_revision_history.data_content_type 
_pdbx_audit_revision_history.major_revision 
_pdbx_audit_revision_history.minor_revision 
_pdbx_audit_revision_history.revision_date 
1 'Structure model' 1 0 2008-07-01 
2 'Structure model' 1 1 2011-07-13 
3 'Structure model' 1 2 2024-02-21 
4 'Structure model' 1 3 2024-04-03 
# 
_pdbx_audit_revision_details.ordinal             1 
_pdbx_audit_revision_details.revision_ordinal    1 
_pdbx_audit_revision_details.data_content_type   'Structure model' 
_pdbx_audit_revision_details.provider            repository 
_pdbx_audit_revision_details.type                'Initial release' 
_pdbx_audit_revision_details.description         ? 
_pdbx_audit_revision_details.details             ? 
# 
loop_
_pdbx_audit_revision_group.ordinal 
_pdbx_audit_revision_group.revision_ordinal 
_pdbx_audit_revision_group.data_content_type 
_pdbx_audit_revision_group.group 
1 2 'Structure model' 'Version format compliance' 
2 3 'Structure model' 'Data collection'           
3 3 'Structure model' 'Database references'       
4 3 'Structure model' 'Derived calculations'      
5 4 'Structure model' 'Refinement description'    
# 
loop_
_pdbx_audit_revision_category.ordinal 
_pdbx_audit_revision_category.revision_ordinal 
_pdbx_audit_revision_category.data_content_type 
_pdbx_audit_revision_category.category 
1 3 'Structure model' chem_comp_atom                
2 3 'Structure model' chem_comp_bond                
3 3 'Structure model' database_2                    
4 3 'Structure model' struct_conn                   
5 3 'Structure model' struct_ref_seq                
6 3 'Structure model' struct_site                   
7 4 'Structure model' pdbx_initial_refinement_model 
# 
loop_
_pdbx_audit_revision_item.ordinal 
_pdbx_audit_revision_item.revision_ordinal 
_pdbx_audit_revision_item.data_content_type 
_pdbx_audit_revision_item.item 
1 3 'Structure model' '_database_2.pdbx_DOI'                
2 3 'Structure model' '_database_2.pdbx_database_accession' 
3 3 'Structure model' '_struct_conn.pdbx_leaving_atom_flag' 
4 3 'Structure model' '_struct_ref_seq.db_align_beg'        
5 3 'Structure model' '_struct_ref_seq.db_align_end'        
6 3 'Structure model' '_struct_site.pdbx_auth_asym_id'      
7 3 'Structure model' '_struct_site.pdbx_auth_comp_id'      
8 3 'Structure model' '_struct_site.pdbx_auth_seq_id'       
# 
_pdbx_database_status.status_code                     REL 
_pdbx_database_status.entry_id                        3CGP 
_pdbx_database_status.recvd_initial_deposition_date   2008-03-06 
_pdbx_database_status.deposit_site                    RCSB 
_pdbx_database_status.process_site                    RCSB 
_pdbx_database_status.status_code_sf                  REL 
_pdbx_database_status.status_code_mr                  ? 
_pdbx_database_status.SG_entry                        ? 
_pdbx_database_status.pdb_format_compatible           Y 
_pdbx_database_status.status_code_cs                  ? 
_pdbx_database_status.status_code_nmr_data            ? 
_pdbx_database_status.methods_development_category    ? 
# 
loop_
_pdbx_database_related.db_name 
_pdbx_database_related.db_id 
_pdbx_database_related.details 
_pdbx_database_related.content_type 
PDB 3CGQ . unspecified 
PDB 3CGR . unspecified 
PDB 3CGS . unspecified 
# 
loop_
_audit_author.name 
_audit_author.pdbx_ordinal 
'Lin, Y.'        1 
'Kielkopf, C.L.' 2 
# 
_citation.id                        primary 
_citation.title                     'X-ray structures of U2 snRNA-branchpoint duplexes containing conserved pseudouridines.' 
_citation.journal_abbrev            Biochemistry 
_citation.journal_volume            47 
_citation.page_first                5503 
_citation.page_last                 5514 
_citation.year                      2008 
_citation.journal_id_ASTM           BICHAW 
_citation.country                   US 
_citation.journal_id_ISSN           0006-2960 
_citation.journal_id_CSD            0033 
_citation.book_publisher            ? 
_citation.pdbx_database_id_PubMed   18435545 
_citation.pdbx_database_id_DOI      10.1021/bi7022392 
# 
loop_
_citation_author.citation_id 
_citation_author.name 
_citation_author.ordinal 
_citation_author.identifier_ORCID 
primary 'Lin, Y.'        1 ? 
primary 'Kielkopf, C.L.' 2 ? 
# 
loop_
_entity.id 
_entity.type 
_entity.src_method 
_entity.pdbx_description 
_entity.formula_weight 
_entity.pdbx_number_of_molecules 
_entity.pdbx_ec 
_entity.pdbx_mutation 
_entity.pdbx_fragment 
_entity.details 
1 polymer     syn 
;RNA (5'-R(*GP*CP*GP*CP*GP*(PSU)P*AP*GP*UP*AP*GP*C)-3')
;
3867.360 1   ? ? ? ? 
2 polymer     syn 
;RNA (5'-R(*CP*GP*CP*UP*AP*CP*UP*AP*AP*CP*GP*CP*G)-3')
;
4116.518 1   ? ? ? ? 
3 non-polymer syn 'SULFATE ION'                                            96.063   1   ? ? ? ? 
4 non-polymer syn 'IODIDE ION'                                             126.904  3   ? ? ? ? 
5 water       nat water                                                    18.015   158 ? ? ? ? 
# 
loop_
_entity_poly.entity_id 
_entity_poly.type 
_entity_poly.nstd_linkage 
_entity_poly.nstd_monomer 
_entity_poly.pdbx_seq_one_letter_code 
_entity_poly.pdbx_seq_one_letter_code_can 
_entity_poly.pdbx_strand_id 
_entity_poly.pdbx_target_identifier 
1 polyribonucleotide no yes 'GCGCG(PSU)AGUAGC' GCGCGUAGUAGC  A ? 
2 polyribonucleotide no no  CGCUACUAACGCG      CGCUACUAACGCG B ? 
# 
loop_
_pdbx_entity_nonpoly.entity_id 
_pdbx_entity_nonpoly.name 
_pdbx_entity_nonpoly.comp_id 
3 'SULFATE ION' SO4 
4 'IODIDE ION'  IOD 
5 water         HOH 
# 
loop_
_entity_poly_seq.entity_id 
_entity_poly_seq.num 
_entity_poly_seq.mon_id 
_entity_poly_seq.hetero 
1 1  G   n 
1 2  C   n 
1 3  G   n 
1 4  C   n 
1 5  G   n 
1 6  PSU n 
1 7  A   n 
1 8  G   n 
1 9  U   n 
1 10 A   n 
1 11 G   n 
1 12 C   n 
2 1  C   n 
2 2  G   n 
2 3  C   n 
2 4  U   n 
2 5  A   n 
2 6  C   n 
2 7  U   n 
2 8  A   n 
2 9  A   n 
2 10 C   n 
2 11 G   n 
2 12 C   n 
2 13 G   n 
# 
loop_
_pdbx_entity_src_syn.entity_id 
_pdbx_entity_src_syn.pdbx_src_id 
_pdbx_entity_src_syn.pdbx_alt_source_flag 
_pdbx_entity_src_syn.pdbx_beg_seq_num 
_pdbx_entity_src_syn.pdbx_end_seq_num 
_pdbx_entity_src_syn.organism_scientific 
_pdbx_entity_src_syn.organism_common_name 
_pdbx_entity_src_syn.ncbi_taxonomy_id 
_pdbx_entity_src_syn.details 
1 1 sample ? ? ? ? ? 'Central nucleotides of this sequence are highly conserved in yeast U2 snRNA'  
2 1 sample ? ? ? ? ? 'Central nucleotides of this sequence are highly conserved in yeast pre-mRNAs' 
# 
loop_
_chem_comp.id 
_chem_comp.type 
_chem_comp.mon_nstd_flag 
_chem_comp.name 
_chem_comp.pdbx_synonyms 
_chem_comp.formula 
_chem_comp.formula_weight 
A   'RNA linking' y "ADENOSINE-5'-MONOPHOSPHATE"     ? 'C10 H14 N5 O7 P' 347.221 
C   'RNA linking' y "CYTIDINE-5'-MONOPHOSPHATE"      ? 'C9 H14 N3 O8 P'  323.197 
G   'RNA linking' y "GUANOSINE-5'-MONOPHOSPHATE"     ? 'C10 H14 N5 O8 P' 363.221 
HOH non-polymer   . WATER                            ? 'H2 O'            18.015  
IOD non-polymer   . 'IODIDE ION'                     ? 'I -1'            126.904 
PSU 'RNA linking' n "PSEUDOURIDINE-5'-MONOPHOSPHATE" ? 'C9 H13 N2 O9 P'  324.181 
SO4 non-polymer   . 'SULFATE ION'                    ? 'O4 S -2'         96.063  
U   'RNA linking' y "URIDINE-5'-MONOPHOSPHATE"       ? 'C9 H13 N2 O9 P'  324.181 
# 
loop_
_pdbx_poly_seq_scheme.asym_id 
_pdbx_poly_seq_scheme.entity_id 
_pdbx_poly_seq_scheme.seq_id 
_pdbx_poly_seq_scheme.mon_id 
_pdbx_poly_seq_scheme.ndb_seq_num 
_pdbx_poly_seq_scheme.pdb_seq_num 
_pdbx_poly_seq_scheme.auth_seq_num 
_pdbx_poly_seq_scheme.pdb_mon_id 
_pdbx_poly_seq_scheme.auth_mon_id 
_pdbx_poly_seq_scheme.pdb_strand_id 
_pdbx_poly_seq_scheme.pdb_ins_code 
_pdbx_poly_seq_scheme.hetero 
A 1 1  G   1  1  1  G   G   A . n 
A 1 2  C   2  2  2  C   C   A . n 
A 1 3  G   3  3  3  G   G   A . n 
A 1 4  C   4  4  4  C   C   A . n 
A 1 5  G   5  5  5  G   G   A . n 
A 1 6  PSU 6  6  6  PSU PSU A . n 
A 1 7  A   7  7  7  A   A   A . n 
A 1 8  G   8  8  8  G   G   A . n 
A 1 9  U   9  9  9  U   U   A . n 
A 1 10 A   10 10 10 A   A   A . n 
A 1 11 G   11 11 11 G   G   A . n 
A 1 12 C   12 12 12 C   C   A . n 
B 2 1  C   1  13 13 C   C   B . n 
B 2 2  G   2  14 14 G   G   B . n 
B 2 3  C   3  15 15 C   C   B . n 
B 2 4  U   4  16 16 U   U   B . n 
B 2 5  A   5  17 17 A   A   B . n 
B 2 6  C   6  18 18 C   C   B . n 
B 2 7  U   7  19 19 U   U   B . n 
B 2 8  A   8  20 20 A   A   B . n 
B 2 9  A   9  21 21 A   A   B . n 
B 2 10 C   10 22 22 C   C   B . n 
B 2 11 G   11 23 23 G   G   B . n 
B 2 12 C   12 24 24 C   C   B . n 
B 2 13 G   13 25 25 G   G   B . n 
# 
loop_
_pdbx_nonpoly_scheme.asym_id 
_pdbx_nonpoly_scheme.entity_id 
_pdbx_nonpoly_scheme.mon_id 
_pdbx_nonpoly_scheme.ndb_seq_num 
_pdbx_nonpoly_scheme.pdb_seq_num 
_pdbx_nonpoly_scheme.auth_seq_num 
_pdbx_nonpoly_scheme.pdb_mon_id 
_pdbx_nonpoly_scheme.auth_mon_id 
_pdbx_nonpoly_scheme.pdb_strand_id 
_pdbx_nonpoly_scheme.pdb_ins_code 
C 3 SO4 1  13  1   SO4 SO4 A . 
D 4 IOD 1  14  1   IOD IOD A . 
E 4 IOD 1  15  3   IOD IOD A . 
F 4 IOD 1  2   2   IOD IOD B . 
G 5 HOH 1  16  2   HOH HOH A . 
G 5 HOH 2  17  9   HOH HOH A . 
G 5 HOH 3  18  10  HOH HOH A . 
G 5 HOH 4  19  11  HOH HOH A . 
G 5 HOH 5  20  13  HOH HOH A . 
G 5 HOH 6  21  15  HOH HOH A . 
G 5 HOH 7  22  17  HOH HOH A . 
G 5 HOH 8  23  19  HOH HOH A . 
G 5 HOH 9  24  20  HOH HOH A . 
G 5 HOH 10 25  21  HOH HOH A . 
G 5 HOH 11 26  24  HOH HOH A . 
G 5 HOH 12 27  26  HOH HOH A . 
G 5 HOH 13 28  29  HOH HOH A . 
G 5 HOH 14 29  32  HOH HOH A . 
G 5 HOH 15 30  34  HOH HOH A . 
G 5 HOH 16 31  35  HOH HOH A . 
G 5 HOH 17 32  38  HOH HOH A . 
G 5 HOH 18 33  39  HOH HOH A . 
G 5 HOH 19 34  46  HOH HOH A . 
G 5 HOH 20 35  49  HOH HOH A . 
G 5 HOH 21 36  51  HOH HOH A . 
G 5 HOH 22 37  52  HOH HOH A . 
G 5 HOH 23 38  57  HOH HOH A . 
G 5 HOH 24 39  63  HOH HOH A . 
G 5 HOH 25 40  65  HOH HOH A . 
G 5 HOH 26 41  66  HOH HOH A . 
G 5 HOH 27 42  67  HOH HOH A . 
G 5 HOH 28 43  68  HOH HOH A . 
G 5 HOH 29 44  71  HOH HOH A . 
G 5 HOH 30 45  72  HOH HOH A . 
G 5 HOH 31 46  74  HOH HOH A . 
G 5 HOH 32 47  75  HOH HOH A . 
G 5 HOH 33 48  77  HOH HOH A . 
G 5 HOH 34 49  81  HOH HOH A . 
G 5 HOH 35 50  84  HOH HOH A . 
G 5 HOH 36 51  85  HOH HOH A . 
G 5 HOH 37 52  87  HOH HOH A . 
G 5 HOH 38 53  88  HOH HOH A . 
G 5 HOH 39 54  96  HOH HOH A . 
G 5 HOH 40 55  98  HOH HOH A . 
G 5 HOH 41 56  101 HOH HOH A . 
G 5 HOH 42 57  102 HOH HOH A . 
G 5 HOH 43 58  103 HOH HOH A . 
G 5 HOH 44 59  106 HOH HOH A . 
G 5 HOH 45 60  108 HOH HOH A . 
G 5 HOH 46 61  109 HOH HOH A . 
G 5 HOH 47 62  111 HOH HOH A . 
G 5 HOH 48 63  114 HOH HOH A . 
G 5 HOH 49 64  118 HOH HOH A . 
G 5 HOH 50 65  119 HOH HOH A . 
G 5 HOH 51 66  125 HOH HOH A . 
G 5 HOH 52 67  127 HOH HOH A . 
G 5 HOH 53 68  128 HOH HOH A . 
G 5 HOH 54 69  129 HOH HOH A . 
G 5 HOH 55 70  132 HOH HOH A . 
G 5 HOH 56 71  137 HOH HOH A . 
G 5 HOH 57 72  138 HOH HOH A . 
G 5 HOH 58 73  139 HOH HOH A . 
G 5 HOH 59 74  146 HOH HOH A . 
G 5 HOH 60 75  147 HOH HOH A . 
G 5 HOH 61 76  148 HOH HOH A . 
G 5 HOH 62 77  149 HOH HOH A . 
G 5 HOH 63 78  154 HOH HOH A . 
G 5 HOH 64 79  155 HOH HOH A . 
G 5 HOH 65 80  157 HOH HOH A . 
G 5 HOH 66 81  158 HOH HOH A . 
H 5 HOH 1  26  1   HOH HOH B . 
H 5 HOH 2  27  3   HOH HOH B . 
H 5 HOH 3  28  4   HOH HOH B . 
H 5 HOH 4  29  5   HOH HOH B . 
H 5 HOH 5  30  6   HOH HOH B . 
H 5 HOH 6  31  7   HOH HOH B . 
H 5 HOH 7  32  8   HOH HOH B . 
H 5 HOH 8  33  12  HOH HOH B . 
H 5 HOH 9  34  14  HOH HOH B . 
H 5 HOH 10 35  16  HOH HOH B . 
H 5 HOH 11 36  18  HOH HOH B . 
H 5 HOH 12 37  22  HOH HOH B . 
H 5 HOH 13 38  23  HOH HOH B . 
H 5 HOH 14 39  25  HOH HOH B . 
H 5 HOH 15 40  27  HOH HOH B . 
H 5 HOH 16 41  28  HOH HOH B . 
H 5 HOH 17 42  30  HOH HOH B . 
H 5 HOH 18 43  31  HOH HOH B . 
H 5 HOH 19 44  33  HOH HOH B . 
H 5 HOH 20 45  36  HOH HOH B . 
H 5 HOH 21 46  37  HOH HOH B . 
H 5 HOH 22 47  40  HOH HOH B . 
H 5 HOH 23 48  41  HOH HOH B . 
H 5 HOH 24 49  42  HOH HOH B . 
H 5 HOH 25 50  43  HOH HOH B . 
H 5 HOH 26 51  44  HOH HOH B . 
H 5 HOH 27 52  45  HOH HOH B . 
H 5 HOH 28 53  47  HOH HOH B . 
H 5 HOH 29 54  48  HOH HOH B . 
H 5 HOH 30 55  50  HOH HOH B . 
H 5 HOH 31 56  53  HOH HOH B . 
H 5 HOH 32 57  54  HOH HOH B . 
H 5 HOH 33 58  55  HOH HOH B . 
H 5 HOH 34 59  56  HOH HOH B . 
H 5 HOH 35 60  58  HOH HOH B . 
H 5 HOH 36 61  59  HOH HOH B . 
H 5 HOH 37 62  60  HOH HOH B . 
H 5 HOH 38 63  61  HOH HOH B . 
H 5 HOH 39 64  62  HOH HOH B . 
H 5 HOH 40 65  64  HOH HOH B . 
H 5 HOH 41 66  69  HOH HOH B . 
H 5 HOH 42 67  70  HOH HOH B . 
H 5 HOH 43 68  73  HOH HOH B . 
H 5 HOH 44 69  76  HOH HOH B . 
H 5 HOH 45 70  78  HOH HOH B . 
H 5 HOH 46 71  79  HOH HOH B . 
H 5 HOH 47 72  80  HOH HOH B . 
H 5 HOH 48 73  82  HOH HOH B . 
H 5 HOH 49 74  83  HOH HOH B . 
H 5 HOH 50 75  86  HOH HOH B . 
H 5 HOH 51 76  89  HOH HOH B . 
H 5 HOH 52 77  90  HOH HOH B . 
H 5 HOH 53 78  91  HOH HOH B . 
H 5 HOH 54 79  92  HOH HOH B . 
H 5 HOH 55 80  93  HOH HOH B . 
H 5 HOH 56 81  94  HOH HOH B . 
H 5 HOH 57 82  95  HOH HOH B . 
H 5 HOH 58 83  97  HOH HOH B . 
H 5 HOH 59 84  99  HOH HOH B . 
H 5 HOH 60 85  100 HOH HOH B . 
H 5 HOH 61 86  104 HOH HOH B . 
H 5 HOH 62 87  105 HOH HOH B . 
H 5 HOH 63 88  107 HOH HOH B . 
H 5 HOH 64 89  110 HOH HOH B . 
H 5 HOH 65 90  112 HOH HOH B . 
H 5 HOH 66 91  113 HOH HOH B . 
H 5 HOH 67 92  115 HOH HOH B . 
H 5 HOH 68 93  116 HOH HOH B . 
H 5 HOH 69 94  117 HOH HOH B . 
H 5 HOH 70 95  120 HOH HOH B . 
H 5 HOH 71 96  121 HOH HOH B . 
H 5 HOH 72 97  122 HOH HOH B . 
H 5 HOH 73 98  123 HOH HOH B . 
H 5 HOH 74 99  124 HOH HOH B . 
H 5 HOH 75 100 126 HOH HOH B . 
H 5 HOH 76 101 130 HOH HOH B . 
H 5 HOH 77 102 131 HOH HOH B . 
H 5 HOH 78 103 133 HOH HOH B . 
H 5 HOH 79 104 134 HOH HOH B . 
H 5 HOH 80 105 135 HOH HOH B . 
H 5 HOH 81 106 136 HOH HOH B . 
H 5 HOH 82 107 140 HOH HOH B . 
H 5 HOH 83 108 141 HOH HOH B . 
H 5 HOH 84 109 142 HOH HOH B . 
H 5 HOH 85 110 143 HOH HOH B . 
H 5 HOH 86 111 144 HOH HOH B . 
H 5 HOH 87 112 145 HOH HOH B . 
H 5 HOH 88 113 150 HOH HOH B . 
H 5 HOH 89 114 151 HOH HOH B . 
H 5 HOH 90 115 152 HOH HOH B . 
H 5 HOH 91 116 153 HOH HOH B . 
H 5 HOH 92 117 156 HOH HOH B . 
# 
loop_
_software.name 
_software.classification 
_software.version 
_software.citation_id 
_software.pdbx_ordinal 
CBASS    'data collection' . ? 1 
CNS      refinement        . ? 2 
HKL-2000 'data reduction'  . ? 3 
HKL-2000 'data scaling'    . ? 4 
CNS      phasing           . ? 5 
# 
_cell.entry_id           3CGP 
_cell.length_a           68.30 
_cell.length_b           40.79 
_cell.length_c           32.55 
_cell.angle_alpha        90.00 
_cell.angle_beta         94.93 
_cell.angle_gamma        90.00 
_cell.Z_PDB              4 
_cell.pdbx_unique_axis   ? 
_cell.length_a_esd       ? 
_cell.length_b_esd       ? 
_cell.length_c_esd       ? 
_cell.angle_alpha_esd    ? 
_cell.angle_beta_esd     ? 
_cell.angle_gamma_esd    ? 
# 
_symmetry.entry_id                         3CGP 
_symmetry.space_group_name_H-M             'C 1 2 1' 
_symmetry.pdbx_full_space_group_name_H-M   ? 
_symmetry.cell_setting                     ? 
_symmetry.Int_Tables_number                5 
_symmetry.space_group_name_Hall            ? 
# 
_exptl.entry_id          3CGP 
_exptl.method            'X-RAY DIFFRACTION' 
_exptl.crystals_number   1 
# 
_exptl_crystal.id                    1 
_exptl_crystal.density_meas          ? 
_exptl_crystal.density_Matthews      2.83 
_exptl_crystal.density_percent_sol   56.52 
_exptl_crystal.description           ? 
_exptl_crystal.F_000                 ? 
_exptl_crystal.preparation           ? 
# 
_exptl_crystal_grow.crystal_id      1 
_exptl_crystal_grow.method          'VAPOR DIFFUSION, HANGING DROP' 
_exptl_crystal_grow.temp            298.0 
_exptl_crystal_grow.temp_details    ? 
_exptl_crystal_grow.pH              6.5 
_exptl_crystal_grow.pdbx_details    
'1M ammonium sulfate, 0.2M sodium iodide, pH 6.5, VAPOR DIFFUSION, HANGING DROP, temperature 298.0K' 
_exptl_crystal_grow.pdbx_pH_range   . 
# 
loop_
_exptl_crystal_grow_comp.crystal_id 
_exptl_crystal_grow_comp.id 
_exptl_crystal_grow_comp.sol_id 
_exptl_crystal_grow_comp.name 
_exptl_crystal_grow_comp.volume 
_exptl_crystal_grow_comp.conc 
_exptl_crystal_grow_comp.details 
1 1 1 'ammonium sulfate' ? ? ? 
1 2 1 'sodium iodide'    ? ? ? 
1 3 2 'ammonium sulfate' ? ? ? 
1 4 2 'sodium iodide'    ? ? ? 
# 
_diffrn.id                     1 
_diffrn.ambient_temp           100 
_diffrn.ambient_temp_details   ? 
_diffrn.crystal_id             1 
# 
_diffrn_detector.diffrn_id              1 
_diffrn_detector.detector               CCD 
_diffrn_detector.type                   'ADSC QUANTUM 4' 
_diffrn_detector.pdbx_collection_date   2005-04-04 
_diffrn_detector.details                ? 
# 
_diffrn_radiation.diffrn_id                        1 
_diffrn_radiation.wavelength_id                    1 
_diffrn_radiation.pdbx_monochromatic_or_laue_m_l   M 
_diffrn_radiation.monochromator                    ? 
_diffrn_radiation.pdbx_diffrn_protocol             'SINGLE WAVELENGTH' 
_diffrn_radiation.pdbx_scattering_type             x-ray 
# 
_diffrn_radiation_wavelength.id           1 
_diffrn_radiation_wavelength.wavelength   1.10 
_diffrn_radiation_wavelength.wt           1.0 
# 
_diffrn_source.diffrn_id                   1 
_diffrn_source.source                      SYNCHROTRON 
_diffrn_source.type                        'NSLS BEAMLINE X8C' 
_diffrn_source.pdbx_synchrotron_site       NSLS 
_diffrn_source.pdbx_synchrotron_beamline   X8C 
_diffrn_source.pdbx_wavelength             ? 
_diffrn_source.pdbx_wavelength_list        1.10 
# 
_reflns.entry_id                     3CGP 
_reflns.observed_criterion_sigma_F   0 
_reflns.observed_criterion_sigma_I   0 
_reflns.d_resolution_high            1.57 
_reflns.d_resolution_low             20.0 
_reflns.number_all                   12574 
_reflns.number_obs                   12181 
_reflns.percent_possible_obs         96.5 
_reflns.pdbx_Rmerge_I_obs            ? 
_reflns.pdbx_Rsym_value              0.043 
_reflns.pdbx_netI_over_sigmaI        24.3 
_reflns.B_iso_Wilson_estimate        ? 
_reflns.pdbx_redundancy              3.3 
_reflns.R_free_details               ? 
_reflns.pdbx_chi_squared             ? 
_reflns.pdbx_scaling_rejects         ? 
_reflns.pdbx_diffrn_id               1 
_reflns.pdbx_ordinal                 1 
# 
_reflns_shell.d_res_high             1.57 
_reflns_shell.d_res_low              1.63 
_reflns_shell.percent_possible_all   92.5 
_reflns_shell.Rmerge_I_obs           ? 
_reflns_shell.pdbx_Rsym_value        0.122 
_reflns_shell.meanI_over_sigI_obs    9.7 
_reflns_shell.pdbx_redundancy        3.0 
_reflns_shell.percent_possible_obs   ? 
_reflns_shell.number_unique_all      ? 
_reflns_shell.number_measured_all    ? 
_reflns_shell.number_measured_obs    ? 
_reflns_shell.number_unique_obs      ? 
_reflns_shell.pdbx_chi_squared       ? 
_reflns_shell.pdbx_diffrn_id         ? 
_reflns_shell.pdbx_ordinal           1 
# 
_refine.entry_id                                 3CGP 
_refine.ls_d_res_high                            1.57 
_refine.ls_d_res_low                             20.0 
_refine.pdbx_ls_sigma_F                          0 
_refine.pdbx_ls_sigma_I                          0 
_refine.ls_number_reflns_all                     12181 
_refine.ls_number_reflns_obs                     11922 
_refine.ls_number_reflns_R_free                  857 
_refine.ls_percent_reflns_obs                    95.4 
_refine.ls_R_factor_all                          0.2024 
_refine.ls_R_factor_obs                          0.2024 
_refine.ls_R_factor_R_work                       0.2012 
_refine.ls_R_factor_R_free                       0.2276 
_refine.ls_redundancy_reflns_obs                 ? 
_refine.pdbx_data_cutoff_high_absF               ? 
_refine.pdbx_data_cutoff_low_absF                ? 
_refine.ls_number_parameters                     ? 
_refine.ls_number_restraints                     ? 
_refine.ls_percent_reflns_R_free                 ? 
_refine.ls_R_factor_R_free_error                 ? 
_refine.ls_R_factor_R_free_error_details         ? 
_refine.pdbx_method_to_determine_struct          'MOLECULAR REPLACEMENT' 
_refine.pdbx_starting_model                      'our previously solved RNA duplex' 
_refine.pdbx_ls_cross_valid_method               THROUGHOUT 
_refine.pdbx_R_Free_selection_details            random 
_refine.pdbx_stereochem_target_val_spec_case     ? 
_refine.pdbx_stereochemistry_target_values       'Engh & Huber' 
_refine.solvent_model_details                    ? 
_refine.solvent_model_param_bsol                 ? 
_refine.solvent_model_param_ksol                 ? 
_refine.occupancy_max                            ? 
_refine.occupancy_min                            ? 
_refine.pdbx_isotropic_thermal_model             ? 
_refine.B_iso_mean                               21.4 
_refine.aniso_B[1][1]                            ? 
_refine.aniso_B[1][2]                            ? 
_refine.aniso_B[1][3]                            ? 
_refine.aniso_B[2][2]                            ? 
_refine.aniso_B[2][3]                            ? 
_refine.aniso_B[3][3]                            ? 
_refine.details                                  ? 
_refine.correlation_coeff_Fo_to_Fc               ? 
_refine.correlation_coeff_Fo_to_Fc_free          ? 
_refine.pdbx_solvent_vdw_probe_radii             ? 
_refine.pdbx_solvent_ion_probe_radii             ? 
_refine.pdbx_solvent_shrinkage_radii             ? 
_refine.overall_SU_R_Cruickshank_DPI             ? 
_refine.overall_SU_R_free                        ? 
_refine.overall_SU_ML                            ? 
_refine.overall_SU_B                             ? 
_refine.pdbx_overall_ESU_R_Free                  ? 
_refine.pdbx_data_cutoff_high_rms_absF           ? 
_refine.pdbx_overall_ESU_R                       ? 
_refine.ls_wR_factor_R_free                      ? 
_refine.ls_wR_factor_R_work                      ? 
_refine.overall_FOM_free_R_set                   ? 
_refine.overall_FOM_work_R_set                   ? 
_refine.pdbx_overall_phase_error                 ? 
_refine.pdbx_refine_id                           'X-RAY DIFFRACTION' 
_refine.pdbx_diffrn_id                           1 
_refine.pdbx_TLS_residual_ADP_flag               ? 
_refine.pdbx_overall_SU_R_free_Cruickshank_DPI   ? 
_refine.pdbx_overall_SU_R_Blow_DPI               ? 
_refine.pdbx_overall_SU_R_free_Blow_DPI          ? 
# 
_refine_analyze.entry_id                        3CGP 
_refine_analyze.Luzzati_coordinate_error_obs    0.18 
_refine_analyze.Luzzati_sigma_a_obs             0.09 
_refine_analyze.Luzzati_d_res_low_obs           5.0 
_refine_analyze.Luzzati_coordinate_error_free   ? 
_refine_analyze.Luzzati_sigma_a_free            ? 
_refine_analyze.Luzzati_d_res_low_free          ? 
_refine_analyze.number_disordered_residues      ? 
_refine_analyze.occupancy_sum_non_hydrogen      ? 
_refine_analyze.occupancy_sum_hydrogen          ? 
_refine_analyze.pdbx_refine_id                  'X-RAY DIFFRACTION' 
# 
_refine_hist.pdbx_refine_id                   'X-RAY DIFFRACTION' 
_refine_hist.cycle_id                         LAST 
_refine_hist.pdbx_number_atoms_protein        0 
_refine_hist.pdbx_number_atoms_nucleic_acid   528 
_refine_hist.pdbx_number_atoms_ligand         8 
_refine_hist.number_atoms_solvent             158 
_refine_hist.number_atoms_total               694 
_refine_hist.d_res_high                       1.57 
_refine_hist.d_res_low                        20.0 
# 
loop_
_refine_ls_restr.type 
_refine_ls_restr.dev_ideal 
_refine_ls_restr.dev_ideal_target 
_refine_ls_restr.weight 
_refine_ls_restr.number 
_refine_ls_restr.pdbx_refine_id 
_refine_ls_restr.pdbx_restraint_function 
c_bond_d    0.003 ? ? ? 'X-RAY DIFFRACTION' ? 
c_angle_deg 0.85  ? ? ? 'X-RAY DIFFRACTION' ? 
# 
_struct.entry_id                  3CGP 
_struct.title                     
'X-ray structure of a pseudouridine-containing yeast spliceosomal U2 snRNA-intron branch site duplex bound to iodide ions' 
_struct.pdbx_model_details        ? 
_struct.pdbx_CASP_flag            ? 
_struct.pdbx_model_type_details   ? 
# 
_struct_keywords.entry_id        3CGP 
_struct_keywords.pdbx_keywords   RNA 
_struct_keywords.text            'RNA double helix, Branchpoint sequence, BPS, U2 snRNA, pseudouridine, pre-mRNA splicing, RNA' 
# 
loop_
_struct_asym.id 
_struct_asym.pdbx_blank_PDB_chainid_flag 
_struct_asym.pdbx_modified 
_struct_asym.entity_id 
_struct_asym.details 
A N N 1 ? 
B N N 2 ? 
C N N 3 ? 
D N N 4 ? 
E N N 4 ? 
F N N 4 ? 
G N N 5 ? 
H N N 5 ? 
# 
loop_
_struct_ref.entity_id 
_struct_ref.pdbx_db_accession 
_struct_ref.db_code 
_struct_ref.db_name 
_struct_ref.id 
_struct_ref.pdbx_align_begin 
_struct_ref.pdbx_seq_one_letter_code 
_struct_ref.pdbx_db_isoform 
1 3CGP 3CGP PDB 1 1 GCGCGUAGUAGC  ? 
2 3CGP 3CGP PDB 2 1 CGCUACUAACGCG ? 
# 
loop_
_struct_ref_seq.align_id 
_struct_ref_seq.ref_id 
_struct_ref_seq.pdbx_PDB_id_code 
_struct_ref_seq.pdbx_strand_id 
_struct_ref_seq.seq_align_beg 
_struct_ref_seq.pdbx_seq_align_beg_ins_code 
_struct_ref_seq.seq_align_end 
_struct_ref_seq.pdbx_seq_align_end_ins_code 
_struct_ref_seq.pdbx_db_accession 
_struct_ref_seq.db_align_beg 
_struct_ref_seq.pdbx_db_align_beg_ins_code 
_struct_ref_seq.db_align_end 
_struct_ref_seq.pdbx_db_align_end_ins_code 
_struct_ref_seq.pdbx_auth_seq_align_beg 
_struct_ref_seq.pdbx_auth_seq_align_end 
1 1 3CGP A 1 ? 12 ? 3CGP 1  ? 12 ? 1  12 
2 2 3CGP B 1 ? 13 ? 3CGP 13 ? 25 ? 13 25 
# 
_pdbx_struct_assembly.id                   1 
_pdbx_struct_assembly.details              author_and_software_defined_assembly 
_pdbx_struct_assembly.method_details       PISA 
_pdbx_struct_assembly.oligomeric_details   dimeric 
_pdbx_struct_assembly.oligomeric_count     2 
# 
loop_
_pdbx_struct_assembly_prop.biol_id 
_pdbx_struct_assembly_prop.type 
_pdbx_struct_assembly_prop.value 
_pdbx_struct_assembly_prop.details 
1 'ABSA (A^2)' 2050 ? 
1 MORE         -4.3 ? 
1 'SSA (A^2)'  4950 ? 
# 
_pdbx_struct_assembly_gen.assembly_id       1 
_pdbx_struct_assembly_gen.oper_expression   1 
_pdbx_struct_assembly_gen.asym_id_list      A,B,C,D,E,F,G,H 
# 
_pdbx_struct_oper_list.id                   1 
_pdbx_struct_oper_list.type                 'identity operation' 
_pdbx_struct_oper_list.name                 1_555 
_pdbx_struct_oper_list.symmetry_operation   x,y,z 
_pdbx_struct_oper_list.matrix[1][1]         1.0000000000 
_pdbx_struct_oper_list.matrix[1][2]         0.0000000000 
_pdbx_struct_oper_list.matrix[1][3]         0.0000000000 
_pdbx_struct_oper_list.vector[1]            0.0000000000 
_pdbx_struct_oper_list.matrix[2][1]         0.0000000000 
_pdbx_struct_oper_list.matrix[2][2]         1.0000000000 
_pdbx_struct_oper_list.matrix[2][3]         0.0000000000 
_pdbx_struct_oper_list.vector[2]            0.0000000000 
_pdbx_struct_oper_list.matrix[3][1]         0.0000000000 
_pdbx_struct_oper_list.matrix[3][2]         0.0000000000 
_pdbx_struct_oper_list.matrix[3][3]         1.0000000000 
_pdbx_struct_oper_list.vector[3]            0.0000000000 
# 
_struct_biol.id        1 
_struct_biol.details   ? 
# 
loop_
_struct_conn.id 
_struct_conn.conn_type_id 
_struct_conn.pdbx_leaving_atom_flag 
_struct_conn.pdbx_PDB_id 
_struct_conn.ptnr1_label_asym_id 
_struct_conn.ptnr1_label_comp_id 
_struct_conn.ptnr1_label_seq_id 
_struct_conn.ptnr1_label_atom_id 
_struct_conn.pdbx_ptnr1_label_alt_id 
_struct_conn.pdbx_ptnr1_PDB_ins_code 
_struct_conn.pdbx_ptnr1_standard_comp_id 
_struct_conn.ptnr1_symmetry 
_struct_conn.ptnr2_label_asym_id 
_struct_conn.ptnr2_label_comp_id 
_struct_conn.ptnr2_label_seq_id 
_struct_conn.ptnr2_label_atom_id 
_struct_conn.pdbx_ptnr2_label_alt_id 
_struct_conn.pdbx_ptnr2_PDB_ins_code 
_struct_conn.ptnr1_auth_asym_id 
_struct_conn.ptnr1_auth_comp_id 
_struct_conn.ptnr1_auth_seq_id 
_struct_conn.ptnr2_auth_asym_id 
_struct_conn.ptnr2_auth_comp_id 
_struct_conn.ptnr2_auth_seq_id 
_struct_conn.ptnr2_symmetry 
_struct_conn.pdbx_ptnr3_label_atom_id 
_struct_conn.pdbx_ptnr3_label_seq_id 
_struct_conn.pdbx_ptnr3_label_comp_id 
_struct_conn.pdbx_ptnr3_label_asym_id 
_struct_conn.pdbx_ptnr3_label_alt_id 
_struct_conn.pdbx_ptnr3_PDB_ins_code 
_struct_conn.details 
_struct_conn.pdbx_dist_value 
_struct_conn.pdbx_value_order 
_struct_conn.pdbx_role 
covale1  covale both ? A G   5  "O3'" ? ? ? 1_555 A PSU 6  P  ? ? A G   5  A PSU 6  1_555 ? ? ? ? ? ? ?                       
1.609 ? ? 
covale2  covale both ? A PSU 6  "O3'" ? ? ? 1_555 A A   7  P  ? ? A PSU 6  A A   7  1_555 ? ? ? ? ? ? ?                       
1.609 ? ? 
hydrog1  hydrog ?    ? A C   2  N3    ? ? ? 1_555 B G   13 N1 ? ? A C   2  B G   25 1_555 ? ? ? ? ? ? WATSON-CRICK            ? ? 
? 
hydrog2  hydrog ?    ? A C   2  N4    ? ? ? 1_555 B G   13 O6 ? ? A C   2  B G   25 1_555 ? ? ? ? ? ? WATSON-CRICK            ? ? 
? 
hydrog3  hydrog ?    ? A C   2  O2    ? ? ? 1_555 B G   13 N2 ? ? A C   2  B G   25 1_555 ? ? ? ? ? ? WATSON-CRICK            ? ? 
? 
hydrog4  hydrog ?    ? A G   3  N1    ? ? ? 1_555 B C   12 N3 ? ? A G   3  B C   24 1_555 ? ? ? ? ? ? WATSON-CRICK            ? ? 
? 
hydrog5  hydrog ?    ? A G   3  N2    ? ? ? 1_555 B C   12 O2 ? ? A G   3  B C   24 1_555 ? ? ? ? ? ? WATSON-CRICK            ? ? 
? 
hydrog6  hydrog ?    ? A G   3  O6    ? ? ? 1_555 B C   12 N4 ? ? A G   3  B C   24 1_555 ? ? ? ? ? ? WATSON-CRICK            ? ? 
? 
hydrog7  hydrog ?    ? A C   4  N3    ? ? ? 1_555 B G   11 N1 ? ? A C   4  B G   23 1_555 ? ? ? ? ? ? WATSON-CRICK            ? ? 
? 
hydrog8  hydrog ?    ? A C   4  N4    ? ? ? 1_555 B G   11 O6 ? ? A C   4  B G   23 1_555 ? ? ? ? ? ? WATSON-CRICK            ? ? 
? 
hydrog9  hydrog ?    ? A C   4  O2    ? ? ? 1_555 B G   11 N2 ? ? A C   4  B G   23 1_555 ? ? ? ? ? ? WATSON-CRICK            ? ? 
? 
hydrog10 hydrog ?    ? A G   5  N1    ? ? ? 1_555 B C   10 N3 ? ? A G   5  B C   22 1_555 ? ? ? ? ? ? WATSON-CRICK            ? ? 
? 
hydrog11 hydrog ?    ? A G   5  N2    ? ? ? 1_555 B C   10 O2 ? ? A G   5  B C   22 1_555 ? ? ? ? ? ? WATSON-CRICK            ? ? 
? 
hydrog12 hydrog ?    ? A G   5  O6    ? ? ? 1_555 B C   10 N4 ? ? A G   5  B C   22 1_555 ? ? ? ? ? ? WATSON-CRICK            ? ? 
? 
hydrog13 hydrog ?    ? A PSU 6  N3    ? ? ? 1_555 B A   9  N1 ? ? A PSU 6  B A   21 1_555 ? ? ? ? ? ? 'REVERSED WATSON-CRICK' ? ? 
? 
hydrog14 hydrog ?    ? A PSU 6  O2    ? ? ? 1_555 B A   9  N6 ? ? A PSU 6  B A   21 1_555 ? ? ? ? ? ? 'REVERSED WATSON-CRICK' ? ? 
? 
hydrog15 hydrog ?    ? A A   7  N1    ? ? ? 1_555 B U   7  N3 ? ? A A   7  B U   19 1_555 ? ? ? ? ? ? WATSON-CRICK            ? ? 
? 
hydrog16 hydrog ?    ? A A   7  N6    ? ? ? 1_555 B U   7  O4 ? ? A A   7  B U   19 1_555 ? ? ? ? ? ? WATSON-CRICK            ? ? 
? 
hydrog17 hydrog ?    ? A G   8  N1    ? ? ? 1_555 B C   6  N3 ? ? A G   8  B C   18 1_555 ? ? ? ? ? ? WATSON-CRICK            ? ? 
? 
hydrog18 hydrog ?    ? A G   8  N2    ? ? ? 1_555 B C   6  O2 ? ? A G   8  B C   18 1_555 ? ? ? ? ? ? WATSON-CRICK            ? ? 
? 
hydrog19 hydrog ?    ? A G   8  O6    ? ? ? 1_555 B C   6  N4 ? ? A G   8  B C   18 1_555 ? ? ? ? ? ? WATSON-CRICK            ? ? 
? 
hydrog20 hydrog ?    ? A U   9  N3    ? ? ? 1_555 B A   5  N1 ? ? A U   9  B A   17 1_555 ? ? ? ? ? ? WATSON-CRICK            ? ? 
? 
hydrog21 hydrog ?    ? A U   9  O4    ? ? ? 1_555 B A   5  N6 ? ? A U   9  B A   17 1_555 ? ? ? ? ? ? WATSON-CRICK            ? ? 
? 
hydrog22 hydrog ?    ? A A   10 N1    ? ? ? 1_555 B U   4  N3 ? ? A A   10 B U   16 1_555 ? ? ? ? ? ? WATSON-CRICK            ? ? 
? 
hydrog23 hydrog ?    ? A A   10 N6    ? ? ? 1_555 B U   4  O4 ? ? A A   10 B U   16 1_555 ? ? ? ? ? ? WATSON-CRICK            ? ? 
? 
hydrog24 hydrog ?    ? A G   11 N1    ? ? ? 1_555 B C   3  N3 ? ? A G   11 B C   15 1_555 ? ? ? ? ? ? WATSON-CRICK            ? ? 
? 
hydrog25 hydrog ?    ? A G   11 N2    ? ? ? 1_555 B C   3  O2 ? ? A G   11 B C   15 1_555 ? ? ? ? ? ? WATSON-CRICK            ? ? 
? 
hydrog26 hydrog ?    ? A G   11 O6    ? ? ? 1_555 B C   3  N4 ? ? A G   11 B C   15 1_555 ? ? ? ? ? ? WATSON-CRICK            ? ? 
? 
hydrog27 hydrog ?    ? A C   12 N3    ? ? ? 1_555 B G   2  N1 ? ? A C   12 B G   14 1_555 ? ? ? ? ? ? WATSON-CRICK            ? ? 
? 
hydrog28 hydrog ?    ? A C   12 N4    ? ? ? 1_555 B G   2  O6 ? ? A C   12 B G   14 1_555 ? ? ? ? ? ? WATSON-CRICK            ? ? 
? 
hydrog29 hydrog ?    ? A C   12 O2    ? ? ? 1_555 B G   2  N2 ? ? A C   12 B G   14 1_555 ? ? ? ? ? ? WATSON-CRICK            ? ? 
? 
# 
loop_
_struct_conn_type.id 
_struct_conn_type.criteria 
_struct_conn_type.reference 
covale ? ? 
hydrog ? ? 
# 
loop_
_struct_site.id 
_struct_site.pdbx_evidence_code 
_struct_site.pdbx_auth_asym_id 
_struct_site.pdbx_auth_comp_id 
_struct_site.pdbx_auth_seq_id 
_struct_site.pdbx_auth_ins_code 
_struct_site.pdbx_num_residues 
_struct_site.details 
AC1 Software A SO4 13 ? 3 'BINDING SITE FOR RESIDUE SO4 A 13' 
AC2 Software A IOD 14 ? 1 'BINDING SITE FOR RESIDUE IOD A 14' 
# 
loop_
_struct_site_gen.id 
_struct_site_gen.site_id 
_struct_site_gen.pdbx_num_res 
_struct_site_gen.label_comp_id 
_struct_site_gen.label_asym_id 
_struct_site_gen.label_seq_id 
_struct_site_gen.pdbx_auth_ins_code 
_struct_site_gen.auth_comp_id 
_struct_site_gen.auth_asym_id 
_struct_site_gen.auth_seq_id 
_struct_site_gen.label_atom_id 
_struct_site_gen.label_alt_id 
_struct_site_gen.symmetry 
_struct_site_gen.details 
1 AC1 3 HOH G . ? HOH A 39 . ? 1_555 ? 
2 AC1 3 HOH H . ? HOH B 45 . ? 1_556 ? 
3 AC1 3 HOH H . ? HOH B 65 . ? 1_556 ? 
4 AC2 1 HOH H . ? HOH B 38 . ? 1_555 ? 
# 
_pdbx_validate_symm_contact.id                1 
_pdbx_validate_symm_contact.PDB_model_num     1 
_pdbx_validate_symm_contact.auth_atom_id_1    O 
_pdbx_validate_symm_contact.auth_asym_id_1    B 
_pdbx_validate_symm_contact.auth_comp_id_1    HOH 
_pdbx_validate_symm_contact.auth_seq_id_1     100 
_pdbx_validate_symm_contact.PDB_ins_code_1    ? 
_pdbx_validate_symm_contact.label_alt_id_1    ? 
_pdbx_validate_symm_contact.site_symmetry_1   1_555 
_pdbx_validate_symm_contact.auth_atom_id_2    O 
_pdbx_validate_symm_contact.auth_asym_id_2    B 
_pdbx_validate_symm_contact.auth_comp_id_2    HOH 
_pdbx_validate_symm_contact.auth_seq_id_2     100 
_pdbx_validate_symm_contact.PDB_ins_code_2    ? 
_pdbx_validate_symm_contact.label_alt_id_2    ? 
_pdbx_validate_symm_contact.site_symmetry_2   2_555 
_pdbx_validate_symm_contact.dist              1.32 
# 
_pdbx_struct_mod_residue.id               1 
_pdbx_struct_mod_residue.label_asym_id    A 
_pdbx_struct_mod_residue.label_comp_id    PSU 
_pdbx_struct_mod_residue.label_seq_id     6 
_pdbx_struct_mod_residue.auth_asym_id     A 
_pdbx_struct_mod_residue.auth_comp_id     PSU 
_pdbx_struct_mod_residue.auth_seq_id      6 
_pdbx_struct_mod_residue.PDB_ins_code     ? 
_pdbx_struct_mod_residue.parent_comp_id   U 
_pdbx_struct_mod_residue.details          "PSEUDOURIDINE-5'-MONOPHOSPHATE" 
# 
loop_
_chem_comp_atom.comp_id 
_chem_comp_atom.atom_id 
_chem_comp_atom.type_symbol 
_chem_comp_atom.pdbx_aromatic_flag 
_chem_comp_atom.pdbx_stereo_config 
_chem_comp_atom.pdbx_ordinal 
A   OP3    O N N 1   
A   P      P N N 2   
A   OP1    O N N 3   
A   OP2    O N N 4   
A   "O5'"  O N N 5   
A   "C5'"  C N N 6   
A   "C4'"  C N R 7   
A   "O4'"  O N N 8   
A   "C3'"  C N S 9   
A   "O3'"  O N N 10  
A   "C2'"  C N R 11  
A   "O2'"  O N N 12  
A   "C1'"  C N R 13  
A   N9     N Y N 14  
A   C8     C Y N 15  
A   N7     N Y N 16  
A   C5     C Y N 17  
A   C6     C Y N 18  
A   N6     N N N 19  
A   N1     N Y N 20  
A   C2     C Y N 21  
A   N3     N Y N 22  
A   C4     C Y N 23  
A   HOP3   H N N 24  
A   HOP2   H N N 25  
A   "H5'"  H N N 26  
A   "H5''" H N N 27  
A   "H4'"  H N N 28  
A   "H3'"  H N N 29  
A   "HO3'" H N N 30  
A   "H2'"  H N N 31  
A   "HO2'" H N N 32  
A   "H1'"  H N N 33  
A   H8     H N N 34  
A   H61    H N N 35  
A   H62    H N N 36  
A   H2     H N N 37  
C   OP3    O N N 38  
C   P      P N N 39  
C   OP1    O N N 40  
C   OP2    O N N 41  
C   "O5'"  O N N 42  
C   "C5'"  C N N 43  
C   "C4'"  C N R 44  
C   "O4'"  O N N 45  
C   "C3'"  C N S 46  
C   "O3'"  O N N 47  
C   "C2'"  C N R 48  
C   "O2'"  O N N 49  
C   "C1'"  C N R 50  
C   N1     N N N 51  
C   C2     C N N 52  
C   O2     O N N 53  
C   N3     N N N 54  
C   C4     C N N 55  
C   N4     N N N 56  
C   C5     C N N 57  
C   C6     C N N 58  
C   HOP3   H N N 59  
C   HOP2   H N N 60  
C   "H5'"  H N N 61  
C   "H5''" H N N 62  
C   "H4'"  H N N 63  
C   "H3'"  H N N 64  
C   "HO3'" H N N 65  
C   "H2'"  H N N 66  
C   "HO2'" H N N 67  
C   "H1'"  H N N 68  
C   H41    H N N 69  
C   H42    H N N 70  
C   H5     H N N 71  
C   H6     H N N 72  
G   OP3    O N N 73  
G   P      P N N 74  
G   OP1    O N N 75  
G   OP2    O N N 76  
G   "O5'"  O N N 77  
G   "C5'"  C N N 78  
G   "C4'"  C N R 79  
G   "O4'"  O N N 80  
G   "C3'"  C N S 81  
G   "O3'"  O N N 82  
G   "C2'"  C N R 83  
G   "O2'"  O N N 84  
G   "C1'"  C N R 85  
G   N9     N Y N 86  
G   C8     C Y N 87  
G   N7     N Y N 88  
G   C5     C Y N 89  
G   C6     C N N 90  
G   O6     O N N 91  
G   N1     N N N 92  
G   C2     C N N 93  
G   N2     N N N 94  
G   N3     N N N 95  
G   C4     C Y N 96  
G   HOP3   H N N 97  
G   HOP2   H N N 98  
G   "H5'"  H N N 99  
G   "H5''" H N N 100 
G   "H4'"  H N N 101 
G   "H3'"  H N N 102 
G   "HO3'" H N N 103 
G   "H2'"  H N N 104 
G   "HO2'" H N N 105 
G   "H1'"  H N N 106 
G   H8     H N N 107 
G   H1     H N N 108 
G   H21    H N N 109 
G   H22    H N N 110 
HOH O      O N N 111 
HOH H1     H N N 112 
HOH H2     H N N 113 
IOD I      I N N 114 
PSU N1     N N N 115 
PSU C2     C N N 116 
PSU N3     N N N 117 
PSU C4     C N N 118 
PSU C5     C N N 119 
PSU C6     C N N 120 
PSU O2     O N N 121 
PSU O4     O N N 122 
PSU "C1'"  C N S 123 
PSU "C2'"  C N R 124 
PSU "O2'"  O N N 125 
PSU "C3'"  C N S 126 
PSU "C4'"  C N R 127 
PSU "O3'"  O N N 128 
PSU "O4'"  O N N 129 
PSU "C5'"  C N N 130 
PSU "O5'"  O N N 131 
PSU P      P N N 132 
PSU OP1    O N N 133 
PSU OP2    O N N 134 
PSU OP3    O N N 135 
PSU HN1    H N N 136 
PSU HN3    H N N 137 
PSU H6     H N N 138 
PSU "H1'"  H N N 139 
PSU "H2'"  H N N 140 
PSU "HO2'" H N N 141 
PSU "H3'"  H N N 142 
PSU "H4'"  H N N 143 
PSU "HO3'" H N N 144 
PSU "H5'"  H N N 145 
PSU "H5''" H N N 146 
PSU HOP2   H N N 147 
PSU HOP3   H N N 148 
SO4 S      S N N 149 
SO4 O1     O N N 150 
SO4 O2     O N N 151 
SO4 O3     O N N 152 
SO4 O4     O N N 153 
U   OP3    O N N 154 
U   P      P N N 155 
U   OP1    O N N 156 
U   OP2    O N N 157 
U   "O5'"  O N N 158 
U   "C5'"  C N N 159 
U   "C4'"  C N R 160 
U   "O4'"  O N N 161 
U   "C3'"  C N S 162 
U   "O3'"  O N N 163 
U   "C2'"  C N R 164 
U   "O2'"  O N N 165 
U   "C1'"  C N R 166 
U   N1     N N N 167 
U   C2     C N N 168 
U   O2     O N N 169 
U   N3     N N N 170 
U   C4     C N N 171 
U   O4     O N N 172 
U   C5     C N N 173 
U   C6     C N N 174 
U   HOP3   H N N 175 
U   HOP2   H N N 176 
U   "H5'"  H N N 177 
U   "H5''" H N N 178 
U   "H4'"  H N N 179 
U   "H3'"  H N N 180 
U   "HO3'" H N N 181 
U   "H2'"  H N N 182 
U   "HO2'" H N N 183 
U   "H1'"  H N N 184 
U   H3     H N N 185 
U   H5     H N N 186 
U   H6     H N N 187 
# 
loop_
_chem_comp_bond.comp_id 
_chem_comp_bond.atom_id_1 
_chem_comp_bond.atom_id_2 
_chem_comp_bond.value_order 
_chem_comp_bond.pdbx_aromatic_flag 
_chem_comp_bond.pdbx_stereo_config 
_chem_comp_bond.pdbx_ordinal 
A   OP3   P      sing N N 1   
A   OP3   HOP3   sing N N 2   
A   P     OP1    doub N N 3   
A   P     OP2    sing N N 4   
A   P     "O5'"  sing N N 5   
A   OP2   HOP2   sing N N 6   
A   "O5'" "C5'"  sing N N 7   
A   "C5'" "C4'"  sing N N 8   
A   "C5'" "H5'"  sing N N 9   
A   "C5'" "H5''" sing N N 10  
A   "C4'" "O4'"  sing N N 11  
A   "C4'" "C3'"  sing N N 12  
A   "C4'" "H4'"  sing N N 13  
A   "O4'" "C1'"  sing N N 14  
A   "C3'" "O3'"  sing N N 15  
A   "C3'" "C2'"  sing N N 16  
A   "C3'" "H3'"  sing N N 17  
A   "O3'" "HO3'" sing N N 18  
A   "C2'" "O2'"  sing N N 19  
A   "C2'" "C1'"  sing N N 20  
A   "C2'" "H2'"  sing N N 21  
A   "O2'" "HO2'" sing N N 22  
A   "C1'" N9     sing N N 23  
A   "C1'" "H1'"  sing N N 24  
A   N9    C8     sing Y N 25  
A   N9    C4     sing Y N 26  
A   C8    N7     doub Y N 27  
A   C8    H8     sing N N 28  
A   N7    C5     sing Y N 29  
A   C5    C6     sing Y N 30  
A   C5    C4     doub Y N 31  
A   C6    N6     sing N N 32  
A   C6    N1     doub Y N 33  
A   N6    H61    sing N N 34  
A   N6    H62    sing N N 35  
A   N1    C2     sing Y N 36  
A   C2    N3     doub Y N 37  
A   C2    H2     sing N N 38  
A   N3    C4     sing Y N 39  
C   OP3   P      sing N N 40  
C   OP3   HOP3   sing N N 41  
C   P     OP1    doub N N 42  
C   P     OP2    sing N N 43  
C   P     "O5'"  sing N N 44  
C   OP2   HOP2   sing N N 45  
C   "O5'" "C5'"  sing N N 46  
C   "C5'" "C4'"  sing N N 47  
C   "C5'" "H5'"  sing N N 48  
C   "C5'" "H5''" sing N N 49  
C   "C4'" "O4'"  sing N N 50  
C   "C4'" "C3'"  sing N N 51  
C   "C4'" "H4'"  sing N N 52  
C   "O4'" "C1'"  sing N N 53  
C   "C3'" "O3'"  sing N N 54  
C   "C3'" "C2'"  sing N N 55  
C   "C3'" "H3'"  sing N N 56  
C   "O3'" "HO3'" sing N N 57  
C   "C2'" "O2'"  sing N N 58  
C   "C2'" "C1'"  sing N N 59  
C   "C2'" "H2'"  sing N N 60  
C   "O2'" "HO2'" sing N N 61  
C   "C1'" N1     sing N N 62  
C   "C1'" "H1'"  sing N N 63  
C   N1    C2     sing N N 64  
C   N1    C6     sing N N 65  
C   C2    O2     doub N N 66  
C   C2    N3     sing N N 67  
C   N3    C4     doub N N 68  
C   C4    N4     sing N N 69  
C   C4    C5     sing N N 70  
C   N4    H41    sing N N 71  
C   N4    H42    sing N N 72  
C   C5    C6     doub N N 73  
C   C5    H5     sing N N 74  
C   C6    H6     sing N N 75  
G   OP3   P      sing N N 76  
G   OP3   HOP3   sing N N 77  
G   P     OP1    doub N N 78  
G   P     OP2    sing N N 79  
G   P     "O5'"  sing N N 80  
G   OP2   HOP2   sing N N 81  
G   "O5'" "C5'"  sing N N 82  
G   "C5'" "C4'"  sing N N 83  
G   "C5'" "H5'"  sing N N 84  
G   "C5'" "H5''" sing N N 85  
G   "C4'" "O4'"  sing N N 86  
G   "C4'" "C3'"  sing N N 87  
G   "C4'" "H4'"  sing N N 88  
G   "O4'" "C1'"  sing N N 89  
G   "C3'" "O3'"  sing N N 90  
G   "C3'" "C2'"  sing N N 91  
G   "C3'" "H3'"  sing N N 92  
G   "O3'" "HO3'" sing N N 93  
G   "C2'" "O2'"  sing N N 94  
G   "C2'" "C1'"  sing N N 95  
G   "C2'" "H2'"  sing N N 96  
G   "O2'" "HO2'" sing N N 97  
G   "C1'" N9     sing N N 98  
G   "C1'" "H1'"  sing N N 99  
G   N9    C8     sing Y N 100 
G   N9    C4     sing Y N 101 
G   C8    N7     doub Y N 102 
G   C8    H8     sing N N 103 
G   N7    C5     sing Y N 104 
G   C5    C6     sing N N 105 
G   C5    C4     doub Y N 106 
G   C6    O6     doub N N 107 
G   C6    N1     sing N N 108 
G   N1    C2     sing N N 109 
G   N1    H1     sing N N 110 
G   C2    N2     sing N N 111 
G   C2    N3     doub N N 112 
G   N2    H21    sing N N 113 
G   N2    H22    sing N N 114 
G   N3    C4     sing N N 115 
HOH O     H1     sing N N 116 
HOH O     H2     sing N N 117 
PSU N1    C2     sing N N 118 
PSU N1    C6     sing N N 119 
PSU N1    HN1    sing N N 120 
PSU C2    N3     sing N N 121 
PSU C2    O2     doub N N 122 
PSU N3    C4     sing N N 123 
PSU N3    HN3    sing N N 124 
PSU C4    C5     sing N N 125 
PSU C4    O4     doub N N 126 
PSU C5    C6     doub N N 127 
PSU C5    "C1'"  sing N N 128 
PSU C6    H6     sing N N 129 
PSU "C1'" "C2'"  sing N N 130 
PSU "C1'" "O4'"  sing N N 131 
PSU "C1'" "H1'"  sing N N 132 
PSU "C2'" "O2'"  sing N N 133 
PSU "C2'" "C3'"  sing N N 134 
PSU "C2'" "H2'"  sing N N 135 
PSU "O2'" "HO2'" sing N N 136 
PSU "C3'" "C4'"  sing N N 137 
PSU "C3'" "O3'"  sing N N 138 
PSU "C3'" "H3'"  sing N N 139 
PSU "C4'" "O4'"  sing N N 140 
PSU "C4'" "C5'"  sing N N 141 
PSU "C4'" "H4'"  sing N N 142 
PSU "O3'" "HO3'" sing N N 143 
PSU "C5'" "O5'"  sing N N 144 
PSU "C5'" "H5'"  sing N N 145 
PSU "C5'" "H5''" sing N N 146 
PSU "O5'" P      sing N N 147 
PSU P     OP1    doub N N 148 
PSU P     OP2    sing N N 149 
PSU P     OP3    sing N N 150 
PSU OP2   HOP2   sing N N 151 
PSU OP3   HOP3   sing N N 152 
SO4 S     O1     doub N N 153 
SO4 S     O2     doub N N 154 
SO4 S     O3     sing N N 155 
SO4 S     O4     sing N N 156 
U   OP3   P      sing N N 157 
U   OP3   HOP3   sing N N 158 
U   P     OP1    doub N N 159 
U   P     OP2    sing N N 160 
U   P     "O5'"  sing N N 161 
U   OP2   HOP2   sing N N 162 
U   "O5'" "C5'"  sing N N 163 
U   "C5'" "C4'"  sing N N 164 
U   "C5'" "H5'"  sing N N 165 
U   "C5'" "H5''" sing N N 166 
U   "C4'" "O4'"  sing N N 167 
U   "C4'" "C3'"  sing N N 168 
U   "C4'" "H4'"  sing N N 169 
U   "O4'" "C1'"  sing N N 170 
U   "C3'" "O3'"  sing N N 171 
U   "C3'" "C2'"  sing N N 172 
U   "C3'" "H3'"  sing N N 173 
U   "O3'" "HO3'" sing N N 174 
U   "C2'" "O2'"  sing N N 175 
U   "C2'" "C1'"  sing N N 176 
U   "C2'" "H2'"  sing N N 177 
U   "O2'" "HO2'" sing N N 178 
U   "C1'" N1     sing N N 179 
U   "C1'" "H1'"  sing N N 180 
U   N1    C2     sing N N 181 
U   N1    C6     sing N N 182 
U   C2    O2     doub N N 183 
U   C2    N3     sing N N 184 
U   N3    C4     sing N N 185 
U   N3    H3     sing N N 186 
U   C4    O4     doub N N 187 
U   C4    C5     sing N N 188 
U   C5    C6     doub N N 189 
U   C5    H5     sing N N 190 
U   C6    H6     sing N N 191 
# 
loop_
_ndb_struct_conf_na.entry_id 
_ndb_struct_conf_na.feature 
3CGP 'bulge loop'           
3CGP 'mismatched base pair' 
# 
loop_
_ndb_struct_na_base_pair.model_number 
_ndb_struct_na_base_pair.i_label_asym_id 
_ndb_struct_na_base_pair.i_label_comp_id 
_ndb_struct_na_base_pair.i_label_seq_id 
_ndb_struct_na_base_pair.i_symmetry 
_ndb_struct_na_base_pair.j_label_asym_id 
_ndb_struct_na_base_pair.j_label_comp_id 
_ndb_struct_na_base_pair.j_label_seq_id 
_ndb_struct_na_base_pair.j_symmetry 
_ndb_struct_na_base_pair.shear 
_ndb_struct_na_base_pair.stretch 
_ndb_struct_na_base_pair.stagger 
_ndb_struct_na_base_pair.buckle 
_ndb_struct_na_base_pair.propeller 
_ndb_struct_na_base_pair.opening 
_ndb_struct_na_base_pair.pair_number 
_ndb_struct_na_base_pair.pair_name 
_ndb_struct_na_base_pair.i_auth_asym_id 
_ndb_struct_na_base_pair.i_auth_seq_id 
_ndb_struct_na_base_pair.i_PDB_ins_code 
_ndb_struct_na_base_pair.j_auth_asym_id 
_ndb_struct_na_base_pair.j_auth_seq_id 
_ndb_struct_na_base_pair.j_PDB_ins_code 
_ndb_struct_na_base_pair.hbond_type_28 
_ndb_struct_na_base_pair.hbond_type_12 
1 A C   2  1_555 B G 13 1_555 -0.025 -0.075 0.040  6.330   -7.049  -0.508 1  A_C2:G25_B   A 2  ? B 25 ? 19 1 
1 A G   3  1_555 B C 12 1_555 -0.281 -0.127 0.149  2.223   -13.353 3.028  2  A_G3:C24_B   A 3  ? B 24 ? 19 1 
1 A C   4  1_555 B G 11 1_555 0.099  -0.115 0.042  1.325   -11.143 0.287  3  A_C4:G23_B   A 4  ? B 23 ? 19 1 
1 A G   5  1_555 B C 10 1_555 -0.279 -0.076 0.101  -3.764  -16.188 3.657  4  A_G5:C22_B   A 5  ? B 22 ? 19 1 
1 A PSU 6  1_555 B A 9  1_555 -0.361 -0.082 0.074  -3.275  -8.956  -2.788 5  A_PSU6:A21_B A 6  ? B 21 ? 21 1 
1 A A   7  1_555 B U 7  1_555 0.121  -0.157 0.354  2.367   -11.682 -2.580 6  A_A7:U19_B   A 7  ? B 19 ? 20 1 
1 A G   8  1_555 B C 6  1_555 -0.277 -0.181 0.013  -10.000 -22.183 0.793  7  A_G8:C18_B   A 8  ? B 18 ? 19 1 
1 A U   9  1_555 B A 5  1_555 0.065  -0.103 0.172  -7.966  -14.810 1.109  8  A_U9:A17_B   A 9  ? B 17 ? 20 1 
1 A A   10 1_555 B U 4  1_555 0.150  -0.093 0.094  -3.069  -6.425  -1.118 9  A_A10:U16_B  A 10 ? B 16 ? 20 1 
1 A G   11 1_555 B C 3  1_555 -0.224 -0.137 0.175  0.625   -14.662 2.777  10 A_G11:C15_B  A 11 ? B 15 ? 19 1 
1 A C   12 1_555 B G 2  1_555 0.417  -0.052 -0.037 1.565   -11.190 2.160  11 A_C12:G14_B  A 12 ? B 14 ? 19 1 
# 
loop_
_ndb_struct_na_base_pair_step.model_number 
_ndb_struct_na_base_pair_step.i_label_asym_id_1 
_ndb_struct_na_base_pair_step.i_label_comp_id_1 
_ndb_struct_na_base_pair_step.i_label_seq_id_1 
_ndb_struct_na_base_pair_step.i_symmetry_1 
_ndb_struct_na_base_pair_step.j_label_asym_id_1 
_ndb_struct_na_base_pair_step.j_label_comp_id_1 
_ndb_struct_na_base_pair_step.j_label_seq_id_1 
_ndb_struct_na_base_pair_step.j_symmetry_1 
_ndb_struct_na_base_pair_step.i_label_asym_id_2 
_ndb_struct_na_base_pair_step.i_label_comp_id_2 
_ndb_struct_na_base_pair_step.i_label_seq_id_2 
_ndb_struct_na_base_pair_step.i_symmetry_2 
_ndb_struct_na_base_pair_step.j_label_asym_id_2 
_ndb_struct_na_base_pair_step.j_label_comp_id_2 
_ndb_struct_na_base_pair_step.j_label_seq_id_2 
_ndb_struct_na_base_pair_step.j_symmetry_2 
_ndb_struct_na_base_pair_step.shift 
_ndb_struct_na_base_pair_step.slide 
_ndb_struct_na_base_pair_step.rise 
_ndb_struct_na_base_pair_step.tilt 
_ndb_struct_na_base_pair_step.roll 
_ndb_struct_na_base_pair_step.twist 
_ndb_struct_na_base_pair_step.x_displacement 
_ndb_struct_na_base_pair_step.y_displacement 
_ndb_struct_na_base_pair_step.helical_rise 
_ndb_struct_na_base_pair_step.inclination 
_ndb_struct_na_base_pair_step.tip 
_ndb_struct_na_base_pair_step.helical_twist 
_ndb_struct_na_base_pair_step.step_number 
_ndb_struct_na_base_pair_step.step_name 
_ndb_struct_na_base_pair_step.i_auth_asym_id_1 
_ndb_struct_na_base_pair_step.i_auth_seq_id_1 
_ndb_struct_na_base_pair_step.i_PDB_ins_code_1 
_ndb_struct_na_base_pair_step.j_auth_asym_id_1 
_ndb_struct_na_base_pair_step.j_auth_seq_id_1 
_ndb_struct_na_base_pair_step.j_PDB_ins_code_1 
_ndb_struct_na_base_pair_step.i_auth_asym_id_2 
_ndb_struct_na_base_pair_step.i_auth_seq_id_2 
_ndb_struct_na_base_pair_step.i_PDB_ins_code_2 
_ndb_struct_na_base_pair_step.j_auth_asym_id_2 
_ndb_struct_na_base_pair_step.j_auth_seq_id_2 
_ndb_struct_na_base_pair_step.j_PDB_ins_code_2 
1 A C   2  1_555 B G 13 1_555 A G   3  1_555 B C 12 1_555 0.110  -1.900 3.231 -3.028 8.848  31.565 -4.733 -0.665 2.596 15.836 
5.419  32.888 1  AA_C2G3:C24G25_BB   A 2  ? B 25 ? A 3  ? B 24 ? 
1 A G   3  1_555 B C 12 1_555 A C   4  1_555 B G 11 1_555 -0.461 -1.889 3.229 -1.070 2.131  32.530 -3.722 0.640  3.116 3.798  
1.906  32.615 2  AA_G3C4:G23C24_BB   A 3  ? B 24 ? A 4  ? B 23 ? 
1 A C   4  1_555 B G 11 1_555 A G   5  1_555 B C 10 1_555 0.146  -1.803 3.161 -0.486 13.327 27.514 -5.667 -0.360 2.082 26.162 
0.955  30.519 3  AA_C4G5:C22G23_BB   A 4  ? B 23 ? A 5  ? B 22 ? 
1 A G   5  1_555 B C 10 1_555 A PSU 6  1_555 B A 9  1_555 -0.771 -1.677 3.139 -3.277 4.362  33.226 -3.564 0.831  2.962 7.564  
5.682  33.658 4  AA_G5PSU6:A21C22_BB A 5  ? B 22 ? A 6  ? B 21 ? 
1 A PSU 6  1_555 B A 9  1_555 A A   7  1_555 B U 7  1_555 1.020  -1.442 2.938 -1.298 7.498  38.513 -2.911 -1.652 2.589 11.233 
1.945  39.229 5  AA_PSU6A7:U19A21_BB A 6  ? B 21 ? A 7  ? B 19 ? 
1 A A   7  1_555 B U 7  1_555 A G   8  1_555 B C 6  1_555 0.155  -1.592 3.451 3.015  8.972  35.264 -3.786 0.170  2.974 14.490 
-4.869 36.473 6  AA_A7G8:C18U19_BB   A 7  ? B 19 ? A 8  ? B 18 ? 
1 A G   8  1_555 B C 6  1_555 A U   9  1_555 B A 5  1_555 0.146  -1.253 3.187 0.251  4.409  32.615 -2.927 -0.218 2.997 7.807  
-0.444 32.905 7  AA_G8U9:A17C18_BB   A 8  ? B 18 ? A 9  ? B 17 ? 
1 A U   9  1_555 B A 5  1_555 A A   10 1_555 B U 4  1_555 0.228  -1.342 3.032 1.336  8.324  32.518 -3.524 -0.202 2.625 14.562 
-2.337 33.565 8  AA_U9A10:U16A17_BB  A 9  ? B 17 ? A 10 ? B 16 ? 
1 A A   10 1_555 B U 4  1_555 A G   11 1_555 B C 3  1_555 0.664  -1.914 3.095 0.479  8.476  25.654 -5.950 -1.317 2.364 18.455 
-1.044 27.000 9  AA_A10G11:C15U16_BB A 10 ? B 16 ? A 11 ? B 15 ? 
1 A G   11 1_555 B C 3  1_555 A C   12 1_555 B G 2  1_555 -0.150 -1.639 3.124 1.673  4.382  38.453 -2.970 0.416  2.919 6.623  
-2.528 38.727 10 AA_G11C12:G14C15_BB A 11 ? B 15 ? A 12 ? B 14 ? 
# 
_pdbx_initial_refinement_model.accession_code   ? 
_pdbx_initial_refinement_model.id               1 
_pdbx_initial_refinement_model.entity_id_list   ? 
_pdbx_initial_refinement_model.type             'experimental model' 
_pdbx_initial_refinement_model.source_name      Other 
_pdbx_initial_refinement_model.details          'our previously solved RNA duplex' 
# 
_atom_sites.entry_id                    3CGP 
_atom_sites.fract_transf_matrix[1][1]   -0.00152032 
_atom_sites.fract_transf_matrix[1][2]   -0.00153129 
_atom_sites.fract_transf_matrix[1][3]   -0.01453609 
_atom_sites.fract_transf_matrix[2][1]   0.01575045 
_atom_sites.fract_transf_matrix[2][2]   -0.01878424 
_atom_sites.fract_transf_matrix[2][3]   0.00033149 
_atom_sites.fract_transf_matrix[3][1]   -0.02359847 
_atom_sites.fract_transf_matrix[3][2]   -0.01975415 
_atom_sites.fract_transf_matrix[3][3]   0.00187023 
_atom_sites.fract_transf_vector[1]      -0.152389 
_atom_sites.fract_transf_vector[2]      -1.183024 
_atom_sites.fract_transf_vector[3]      0.360289 
# 
loop_
_atom_type.symbol 
C 
I 
N 
O 
P 
S 
# 
loop_
_atom_site.group_PDB 
_atom_site.id 
_atom_site.type_symbol 
_atom_site.label_atom_id 
_atom_site.label_alt_id 
_atom_site.label_comp_id 
_atom_site.label_asym_id 
_atom_site.label_entity_id 
_atom_site.label_seq_id 
_atom_site.pdbx_PDB_ins_code 
_atom_site.Cartn_x 
_atom_site.Cartn_y 
_atom_site.Cartn_z 
_atom_site.occupancy 
_atom_site.B_iso_or_equiv 
_atom_site.pdbx_formal_charge 
_atom_site.auth_seq_id 
_atom_site.auth_comp_id 
_atom_site.auth_asym_id 
_atom_site.auth_atom_id 
_atom_site.pdbx_PDB_model_num 
ATOM   1   O "O5'" . G   A 1 1  ? -9.079  -10.993 -2.269  1.00 21.70 ? 1   G   A "O5'" 1 
ATOM   2   C "C5'" . G   A 1 1  ? -8.955  -12.099 -3.167  1.00 18.64 ? 1   G   A "C5'" 1 
ATOM   3   C "C4'" . G   A 1 1  ? -9.763  -11.888 -4.426  1.00 15.38 ? 1   G   A "C4'" 1 
ATOM   4   O "O4'" . G   A 1 1  ? -11.182 -11.918 -4.113  1.00 16.42 ? 1   G   A "O4'" 1 
ATOM   5   C "C3'" . G   A 1 1  ? -9.557  -10.547 -5.109  1.00 17.06 ? 1   G   A "C3'" 1 
ATOM   6   O "O3'" . G   A 1 1  ? -8.422  -10.582 -5.959  1.00 17.09 ? 1   G   A "O3'" 1 
ATOM   7   C "C2'" . G   A 1 1  ? -10.850 -10.390 -5.895  1.00 17.57 ? 1   G   A "C2'" 1 
ATOM   8   O "O2'" . G   A 1 1  ? -10.868 -11.152 -7.085  1.00 16.00 ? 1   G   A "O2'" 1 
ATOM   9   C "C1'" . G   A 1 1  ? -11.866 -10.965 -4.909  1.00 17.95 ? 1   G   A "C1'" 1 
ATOM   10  N N9    . G   A 1 1  ? -12.430 -9.951  -4.024  1.00 17.69 ? 1   G   A N9    1 
ATOM   11  C C8    . G   A 1 1  ? -12.219 -9.824  -2.673  1.00 19.24 ? 1   G   A C8    1 
ATOM   12  N N7    . G   A 1 1  ? -12.885 -8.837  -2.140  1.00 14.95 ? 1   G   A N7    1 
ATOM   13  C C5    . G   A 1 1  ? -13.570 -8.271  -3.204  1.00 16.27 ? 1   G   A C5    1 
ATOM   14  C C6    . G   A 1 1  ? -14.462 -7.169  -3.242  1.00 21.42 ? 1   G   A C6    1 
ATOM   15  O O6    . G   A 1 1  ? -14.842 -6.451  -2.310  1.00 23.20 ? 1   G   A O6    1 
ATOM   16  N N1    . G   A 1 1  ? -14.926 -6.933  -4.532  1.00 19.17 ? 1   G   A N1    1 
ATOM   17  C C2    . G   A 1 1  ? -14.576 -7.661  -5.642  1.00 22.14 ? 1   G   A C2    1 
ATOM   18  N N2    . G   A 1 1  ? -15.117 -7.271  -6.802  1.00 19.45 ? 1   G   A N2    1 
ATOM   19  N N3    . G   A 1 1  ? -13.752 -8.694  -5.618  1.00 15.65 ? 1   G   A N3    1 
ATOM   20  C C4    . G   A 1 1  ? -13.291 -8.942  -4.377  1.00 15.30 ? 1   G   A C4    1 
ATOM   21  P P     . C   A 1 2  ? -7.196  -9.587  -5.680  1.00 18.33 ? 2   C   A P     1 
ATOM   22  O OP1   . C   A 1 2  ? -6.164  -9.869  -6.716  1.00 19.19 ? 2   C   A OP1   1 
ATOM   23  O OP2   . C   A 1 2  ? -6.839  -9.675  -4.241  1.00 20.12 ? 2   C   A OP2   1 
ATOM   24  O "O5'" . C   A 1 2  ? -7.796  -8.140  -5.948  1.00 13.94 ? 2   C   A "O5'" 1 
ATOM   25  C "C5'" . C   A 1 2  ? -8.208  -7.758  -7.255  1.00 16.01 ? 2   C   A "C5'" 1 
ATOM   26  C "C4'" . C   A 1 2  ? -9.252  -6.675  -7.184  1.00 12.62 ? 2   C   A "C4'" 1 
ATOM   27  O "O4'" . C   A 1 2  ? -10.369 -7.139  -6.376  1.00 15.95 ? 2   C   A "O4'" 1 
ATOM   28  C "C3'" . C   A 1 2  ? -8.847  -5.380  -6.500  1.00 13.52 ? 2   C   A "C3'" 1 
ATOM   29  O "O3'" . C   A 1 2  ? -8.090  -4.539  -7.363  1.00 15.71 ? 2   C   A "O3'" 1 
ATOM   30  C "C2'" . C   A 1 2  ? -10.211 -4.786  -6.179  1.00 17.58 ? 2   C   A "C2'" 1 
ATOM   31  O "O2'" . C   A 1 2  ? -10.858 -4.277  -7.329  1.00 18.41 ? 2   C   A "O2'" 1 
ATOM   32  C "C1'" . C   A 1 2  ? -10.955 -6.033  -5.703  1.00 18.20 ? 2   C   A "C1'" 1 
ATOM   33  N N1    . C   A 1 2  ? -10.787 -6.229  -4.255  1.00 16.62 ? 2   C   A N1    1 
ATOM   34  C C2    . C   A 1 2  ? -11.524 -5.426  -3.385  1.00 14.68 ? 2   C   A C2    1 
ATOM   35  O O2    . C   A 1 2  ? -12.308 -4.595  -3.859  1.00 16.96 ? 2   C   A O2    1 
ATOM   36  N N3    . C   A 1 2  ? -11.361 -5.577  -2.048  1.00 13.57 ? 2   C   A N3    1 
ATOM   37  C C4    . C   A 1 2  ? -10.511 -6.493  -1.580  1.00 14.77 ? 2   C   A C4    1 
ATOM   38  N N4    . C   A 1 2  ? -10.384 -6.612  -0.253  1.00 16.81 ? 2   C   A N4    1 
ATOM   39  C C5    . C   A 1 2  ? -9.753  -7.331  -2.448  1.00 17.56 ? 2   C   A C5    1 
ATOM   40  C C6    . C   A 1 2  ? -9.923  -7.167  -3.767  1.00 15.84 ? 2   C   A C6    1 
ATOM   41  P P     . G   A 1 3  ? -7.069  -3.464  -6.733  1.00 16.15 ? 3   G   A P     1 
ATOM   42  O OP1   . G   A 1 3  ? -6.292  -2.885  -7.861  1.00 19.84 ? 3   G   A OP1   1 
ATOM   43  O OP2   . G   A 1 3  ? -6.346  -4.068  -5.588  1.00 17.62 ? 3   G   A OP2   1 
ATOM   44  O "O5'" . G   A 1 3  ? -8.025  -2.331  -6.159  1.00 16.49 ? 3   G   A "O5'" 1 
ATOM   45  C "C5'" . G   A 1 3  ? -8.920  -1.628  -7.009  1.00 15.27 ? 3   G   A "C5'" 1 
ATOM   46  C "C4'" . G   A 1 3  ? -9.796  -0.714  -6.193  1.00 17.66 ? 3   G   A "C4'" 1 
ATOM   47  O "O4'" . G   A 1 3  ? -10.654 -1.502  -5.323  1.00 17.49 ? 3   G   A "O4'" 1 
ATOM   48  C "C3'" . G   A 1 3  ? -9.046  0.189   -5.232  1.00 17.71 ? 3   G   A "C3'" 1 
ATOM   49  O "O3'" . G   A 1 3  ? -8.522  1.331   -5.890  1.00 15.22 ? 3   G   A "O3'" 1 
ATOM   50  C "C2'" . G   A 1 3  ? -10.137 0.533   -4.234  1.00 16.84 ? 3   G   A "C2'" 1 
ATOM   51  O "O2'" . G   A 1 3  ? -11.058 1.474   -4.760  1.00 17.72 ? 3   G   A "O2'" 1 
ATOM   52  C "C1'" . G   A 1 3  ? -10.820 -0.827  -4.081  1.00 16.59 ? 3   G   A "C1'" 1 
ATOM   53  N N9    . G   A 1 3  ? -10.213 -1.641  -3.031  1.00 12.99 ? 3   G   A N9    1 
ATOM   54  C C8    . G   A 1 3  ? -9.404  -2.742  -3.195  1.00 13.08 ? 3   G   A C8    1 
ATOM   55  N N7    . G   A 1 3  ? -9.032  -3.280  -2.062  1.00 15.09 ? 3   G   A N7    1 
ATOM   56  C C5    . G   A 1 3  ? -9.629  -2.485  -1.091  1.00 14.94 ? 3   G   A C5    1 
ATOM   57  C C6    . G   A 1 3  ? -9.593  -2.584  0.329   1.00 13.03 ? 3   G   A C6    1 
ATOM   58  O O6    . G   A 1 3  ? -9.034  -3.436  1.030   1.00 13.06 ? 3   G   A O6    1 
ATOM   59  N N1    . G   A 1 3  ? -10.314 -1.558  0.929   1.00 13.47 ? 3   G   A N1    1 
ATOM   60  C C2    . G   A 1 3  ? -10.991 -0.573  0.260   1.00 11.66 ? 3   G   A C2    1 
ATOM   61  N N2    . G   A 1 3  ? -11.616 0.338   1.026   1.00 15.42 ? 3   G   A N2    1 
ATOM   62  N N3    . G   A 1 3  ? -11.052 -0.479  -1.063  1.00 16.37 ? 3   G   A N3    1 
ATOM   63  C C4    . G   A 1 3  ? -10.351 -1.461  -1.669  1.00 14.63 ? 3   G   A C4    1 
ATOM   64  P P     . C   A 1 4  ? -7.179  2.012   -5.342  1.00 16.85 ? 4   C   A P     1 
ATOM   65  O OP1   . C   A 1 4  ? -6.805  3.053   -6.333  1.00 20.58 ? 4   C   A OP1   1 
ATOM   66  O OP2   . C   A 1 4  ? -6.194  0.969   -4.976  1.00 17.51 ? 4   C   A OP2   1 
ATOM   67  O "O5'" . C   A 1 4  ? -7.647  2.729   -4.001  1.00 16.52 ? 4   C   A "O5'" 1 
ATOM   68  C "C5'" . C   A 1 4  ? -8.630  3.747   -4.039  1.00 14.54 ? 4   C   A "C5'" 1 
ATOM   69  C "C4'" . C   A 1 4  ? -8.949  4.214   -2.643  1.00 13.90 ? 4   C   A "C4'" 1 
ATOM   70  O "O4'" . C   A 1 4  ? -9.637  3.159   -1.915  1.00 14.78 ? 4   C   A "O4'" 1 
ATOM   71  C "C3'" . C   A 1 4  ? -7.758  4.530   -1.756  1.00 15.68 ? 4   C   A "C3'" 1 
ATOM   72  O "O3'" . C   A 1 4  ? -7.192  5.801   -2.044  1.00 15.42 ? 4   C   A "O3'" 1 
ATOM   73  C "C2'" . C   A 1 4  ? -8.400  4.466   -0.378  1.00 13.15 ? 4   C   A "C2'" 1 
ATOM   74  O "O2'" . C   A 1 4  ? -9.219  5.589   -0.105  1.00 16.51 ? 4   C   A "O2'" 1 
ATOM   75  C "C1'" . C   A 1 4  ? -9.287  3.232   -0.539  1.00 12.16 ? 4   C   A "C1'" 1 
ATOM   76  N N1    . C   A 1 4  ? -8.570  1.999   -0.161  1.00 13.10 ? 4   C   A N1    1 
ATOM   77  C C2    . C   A 1 4  ? -8.450  1.698   1.194   1.00 12.13 ? 4   C   A C2    1 
ATOM   78  O O2    . C   A 1 4  ? -8.951  2.473   2.020   1.00 12.34 ? 4   C   A O2    1 
ATOM   79  N N3    . C   A 1 4  ? -7.788  0.584   1.571   1.00 12.54 ? 4   C   A N3    1 
ATOM   80  C C4    . C   A 1 4  ? -7.247  -0.213  0.651   1.00 12.11 ? 4   C   A C4    1 
ATOM   81  N N4    . C   A 1 4  ? -6.591  -1.295  1.075   1.00 11.95 ? 4   C   A N4    1 
ATOM   82  C C5    . C   A 1 4  ? -7.354  0.068   -0.744  1.00 11.17 ? 4   C   A C5    1 
ATOM   83  C C6    . C   A 1 4  ? -8.024  1.172   -1.102  1.00 13.55 ? 4   C   A C6    1 
ATOM   84  P P     . G   A 1 5  ? -5.609  6.029   -1.863  1.00 16.36 ? 5   G   A P     1 
ATOM   85  O OP1   . G   A 1 5  ? -5.305  7.358   -2.463  1.00 19.73 ? 5   G   A OP1   1 
ATOM   86  O OP2   . G   A 1 5  ? -4.878  4.828   -2.340  1.00 19.00 ? 5   G   A OP2   1 
ATOM   87  O "O5'" . G   A 1 5  ? -5.418  6.147   -0.289  1.00 14.90 ? 5   G   A "O5'" 1 
ATOM   88  C "C5'" . G   A 1 5  ? -6.102  7.161   0.429   1.00 15.95 ? 5   G   A "C5'" 1 
ATOM   89  C "C4'" . G   A 1 5  ? -6.059  6.873   1.905   1.00 17.06 ? 5   G   A "C4'" 1 
ATOM   90  O "O4'" . G   A 1 5  ? -6.707  5.602   2.171   1.00 14.58 ? 5   G   A "O4'" 1 
ATOM   91  C "C3'" . G   A 1 5  ? -4.684  6.687   2.520   1.00 15.70 ? 5   G   A "C3'" 1 
ATOM   92  O "O3'" . G   A 1 5  ? -4.061  7.943   2.754   1.00 16.00 ? 5   G   A "O3'" 1 
ATOM   93  C "C2'" . G   A 1 5  ? -5.045  5.977   3.817   1.00 14.43 ? 5   G   A "C2'" 1 
ATOM   94  O "O2'" . G   A 1 5  ? -5.622  6.868   4.755   1.00 16.95 ? 5   G   A "O2'" 1 
ATOM   95  C "C1'" . G   A 1 5  ? -6.117  5.007   3.320   1.00 13.76 ? 5   G   A "C1'" 1 
ATOM   96  N N9    . G   A 1 5  ? -5.566  3.707   2.943   1.00 13.84 ? 5   G   A N9    1 
ATOM   97  C C8    . G   A 1 5  ? -5.417  3.198   1.676   1.00 14.47 ? 5   G   A C8    1 
ATOM   98  N N7    . G   A 1 5  ? -4.906  1.994   1.665   1.00 13.28 ? 5   G   A N7    1 
ATOM   99  C C5    . G   A 1 5  ? -4.705  1.691   3.005   1.00 12.75 ? 5   G   A C5    1 
ATOM   100 C C6    . G   A 1 5  ? -4.188  0.514   3.619   1.00 13.18 ? 5   G   A C6    1 
ATOM   101 O O6    . G   A 1 5  ? -3.809  -0.541  3.079   1.00 14.93 ? 5   G   A O6    1 
ATOM   102 N N1    . G   A 1 5  ? -4.139  0.644   5.004   1.00 13.15 ? 5   G   A N1    1 
ATOM   103 C C2    . G   A 1 5  ? -4.540  1.756   5.708   1.00 11.40 ? 5   G   A C2    1 
ATOM   104 N N2    . G   A 1 5  ? -4.382  1.711   7.036   1.00 13.75 ? 5   G   A N2    1 
ATOM   105 N N3    . G   A 1 5  ? -5.048  2.840   5.149   1.00 12.83 ? 5   G   A N3    1 
ATOM   106 C C4    . G   A 1 5  ? -5.098  2.742   3.806   1.00 11.62 ? 5   G   A C4    1 
HETATM 107 N N1    . PSU A 1 6  ? -1.831  3.272   3.932   1.00 19.79 ? 6   PSU A N1    1 
HETATM 108 C C2    . PSU A 1 6  ? -1.319  1.971   4.232   1.00 16.14 ? 6   PSU A C2    1 
HETATM 109 N N3    . PSU A 1 6  ? -1.020  1.765   5.567   1.00 15.70 ? 6   PSU A N3    1 
HETATM 110 C C4    . PSU A 1 6  ? -1.157  2.672   6.595   1.00 15.23 ? 6   PSU A C4    1 
HETATM 111 C C5    . PSU A 1 6  ? -1.651  3.914   6.220   1.00 17.60 ? 6   PSU A C5    1 
HETATM 112 C C6    . PSU A 1 6  ? -1.977  4.175   4.910   1.00 14.95 ? 6   PSU A C6    1 
HETATM 113 O O2    . PSU A 1 6  ? -1.121  1.071   3.416   1.00 13.80 ? 6   PSU A O2    1 
HETATM 114 O O4    . PSU A 1 6  ? -0.862  2.399   7.743   1.00 16.96 ? 6   PSU A O4    1 
HETATM 115 C "C1'" . PSU A 1 6  ? -1.803  4.942   7.262   1.00 21.70 ? 6   PSU A "C1'" 1 
HETATM 116 C "C2'" . PSU A 1 6  ? -0.473  5.627   7.578   1.00 20.80 ? 6   PSU A "C2'" 1 
HETATM 117 O "O2'" . PSU A 1 6  ? -0.504  6.087   8.914   1.00 26.53 ? 6   PSU A "O2'" 1 
HETATM 118 C "C3'" . PSU A 1 6  ? -0.490  6.767   6.570   1.00 24.76 ? 6   PSU A "C3'" 1 
HETATM 119 C "C4'" . PSU A 1 6  ? -1.942  7.211   6.655   1.00 20.55 ? 6   PSU A "C4'" 1 
HETATM 120 O "O3'" . PSU A 1 6  ? 0.424   7.805   6.907   1.00 27.42 ? 6   PSU A "O3'" 1 
HETATM 121 O "O4'" . PSU A 1 6  ? -2.672  5.956   6.773   1.00 20.27 ? 6   PSU A "O4'" 1 
HETATM 122 C "C5'" . PSU A 1 6  ? -2.461  8.006   5.479   1.00 21.50 ? 6   PSU A "C5'" 1 
HETATM 123 O "O5'" . PSU A 1 6  ? -2.127  7.356   4.257   1.00 18.65 ? 6   PSU A "O5'" 1 
HETATM 124 P P     . PSU A 1 6  ? -2.458  8.032   2.855   1.00 20.93 ? 6   PSU A P     1 
HETATM 125 O OP1   . PSU A 1 6  ? -2.118  9.478   2.934   1.00 22.45 ? 6   PSU A OP1   1 
HETATM 126 O OP2   . PSU A 1 6  ? -1.845  7.192   1.792   1.00 21.52 ? 6   PSU A OP2   1 
ATOM   127 P P     . A   A 1 7  ? 1.857   7.864   6.179   1.00 24.92 ? 7   A   A P     1 
ATOM   128 O OP1   . A   A 1 7  ? 2.554   9.083   6.672   1.00 29.97 ? 7   A   A OP1   1 
ATOM   129 O OP2   . A   A 1 7  ? 1.666   7.670   4.721   1.00 27.64 ? 7   A   A OP2   1 
ATOM   130 O "O5'" . A   A 1 7  ? 2.629   6.594   6.758   1.00 25.07 ? 7   A   A "O5'" 1 
ATOM   131 C "C5'" . A   A 1 7  ? 2.915   6.498   8.149   1.00 22.72 ? 7   A   A "C5'" 1 
ATOM   132 C "C4'" . A   A 1 7  ? 3.349   5.094   8.516   1.00 23.10 ? 7   A   A "C4'" 1 
ATOM   133 O "O4'" . A   A 1 7  ? 2.287   4.155   8.193   1.00 20.46 ? 7   A   A "O4'" 1 
ATOM   134 C "C3'" . A   A 1 7  ? 4.558   4.521   7.791   1.00 20.68 ? 7   A   A "C3'" 1 
ATOM   135 O "O3'" . A   A 1 7  ? 5.786   4.968   8.356   1.00 19.94 ? 7   A   A "O3'" 1 
ATOM   136 C "C2'" . A   A 1 7  ? 4.364   3.031   8.028   1.00 22.15 ? 7   A   A "C2'" 1 
ATOM   137 O "O2'" . A   A 1 7  ? 4.708   2.650   9.345   1.00 20.60 ? 7   A   A "O2'" 1 
ATOM   138 C "C1'" . A   A 1 7  ? 2.854   2.901   7.840   1.00 19.77 ? 7   A   A "C1'" 1 
ATOM   139 N N9    . A   A 1 7  ? 2.510   2.617   6.448   1.00 17.19 ? 7   A   A N9    1 
ATOM   140 C C8    . A   A 1 7  ? 1.991   3.472   5.508   1.00 18.01 ? 7   A   A C8    1 
ATOM   141 N N7    . A   A 1 7  ? 1.798   2.915   4.336   1.00 18.57 ? 7   A   A N7    1 
ATOM   142 C C5    . A   A 1 7  ? 2.213   1.605   4.519   1.00 15.96 ? 7   A   A C5    1 
ATOM   143 C C6    . A   A 1 7  ? 2.259   0.495   3.654   1.00 12.95 ? 7   A   A C6    1 
ATOM   144 N N6    . A   A 1 7  ? 1.859   0.529   2.380   1.00 13.28 ? 7   A   A N6    1 
ATOM   145 N N1    . A   A 1 7  ? 2.736   -0.667  4.150   1.00 13.77 ? 7   A   A N1    1 
ATOM   146 C C2    . A   A 1 7  ? 3.133   -0.704  5.429   1.00 15.42 ? 7   A   A C2    1 
ATOM   147 N N3    . A   A 1 7  ? 3.134   0.267   6.339   1.00 17.95 ? 7   A   A N3    1 
ATOM   148 C C4    . A   A 1 7  ? 2.656   1.408   5.814   1.00 17.69 ? 7   A   A C4    1 
ATOM   149 P P     . G   A 1 8  ? 7.118   4.958   7.460   1.00 19.59 ? 8   G   A P     1 
ATOM   150 O OP1   . G   A 1 8  ? 8.190   5.604   8.269   1.00 23.09 ? 8   G   A OP1   1 
ATOM   151 O OP2   . G   A 1 8  ? 6.795   5.490   6.111   1.00 21.27 ? 8   G   A OP2   1 
ATOM   152 O "O5'" . G   A 1 8  ? 7.469   3.412   7.291   1.00 17.89 ? 8   G   A "O5'" 1 
ATOM   153 C "C5'" . G   A 1 8  ? 7.849   2.617   8.409   1.00 16.69 ? 8   G   A "C5'" 1 
ATOM   154 C "C4'" . G   A 1 8  ? 8.107   1.196   7.970   1.00 16.07 ? 8   G   A "C4'" 1 
ATOM   155 O "O4'" . G   A 1 8  ? 6.865   0.604   7.503   1.00 16.32 ? 8   G   A "O4'" 1 
ATOM   156 C "C3'" . G   A 1 8  ? 9.053   1.025   6.794   1.00 18.48 ? 8   G   A "C3'" 1 
ATOM   157 O "O3'" . G   A 1 8  ? 10.414  1.078   7.199   1.00 17.23 ? 8   G   A "O3'" 1 
ATOM   158 C "C2'" . G   A 1 8  ? 8.655   -0.352  6.285   1.00 14.66 ? 8   G   A "C2'" 1 
ATOM   159 O "O2'" . G   A 1 8  ? 9.155   -1.396  7.103   1.00 15.81 ? 8   G   A "O2'" 1 
ATOM   160 C "C1'" . G   A 1 8  ? 7.134   -0.278  6.422   1.00 15.46 ? 8   G   A "C1'" 1 
ATOM   161 N N9    . G   A 1 8  ? 6.513   0.278   5.223   1.00 15.29 ? 8   G   A N9    1 
ATOM   162 C C8    . G   A 1 8  ? 6.070   1.565   5.042   1.00 16.79 ? 8   G   A C8    1 
ATOM   163 N N7    . G   A 1 8  ? 5.570   1.772   3.852   1.00 15.13 ? 8   G   A N7    1 
ATOM   164 C C5    . G   A 1 8  ? 5.688   0.545   3.214   1.00 12.41 ? 8   G   A C5    1 
ATOM   165 C C6    . G   A 1 8  ? 5.314   0.153   1.905   1.00 13.49 ? 8   G   A C6    1 
ATOM   166 O O6    . G   A 1 8  ? 4.791   0.837   1.017   1.00 15.17 ? 8   G   A O6    1 
ATOM   167 N N1    . G   A 1 8  ? 5.607   -1.186  1.668   1.00 14.93 ? 8   G   A N1    1 
ATOM   168 C C2    . G   A 1 8  ? 6.191   -2.040  2.572   1.00 13.27 ? 8   G   A C2    1 
ATOM   169 N N2    . G   A 1 8  ? 6.392   -3.295  2.158   1.00 16.46 ? 8   G   A N2    1 
ATOM   170 N N3    . G   A 1 8  ? 6.549   -1.685  3.795   1.00 12.46 ? 8   G   A N3    1 
ATOM   171 C C4    . G   A 1 8  ? 6.267   -0.388  4.047   1.00 12.11 ? 8   G   A C4    1 
ATOM   172 P P     . U   A 1 9  ? 11.511  1.711   6.209   1.00 19.22 ? 9   U   A P     1 
ATOM   173 O OP1   . U   A 1 9  ? 12.800  1.774   6.954   1.00 20.96 ? 9   U   A OP1   1 
ATOM   174 O OP2   . U   A 1 9  ? 10.956  2.950   5.604   1.00 20.36 ? 9   U   A OP2   1 
ATOM   175 O "O5'" . U   A 1 9  ? 11.653  0.622   5.060   1.00 16.74 ? 9   U   A "O5'" 1 
ATOM   176 C "C5'" . U   A 1 9  ? 12.099  -0.692  5.370   1.00 19.33 ? 9   U   A "C5'" 1 
ATOM   177 C "C4'" . U   A 1 9  ? 11.925  -1.604  4.183   1.00 19.27 ? 9   U   A "C4'" 1 
ATOM   178 O "O4'" . U   A 1 9  ? 10.513  -1.747  3.871   1.00 17.56 ? 9   U   A "O4'" 1 
ATOM   179 C "C3'" . U   A 1 9  ? 12.518  -1.131  2.868   1.00 20.38 ? 9   U   A "C3'" 1 
ATOM   180 O "O3'" . U   A 1 9  ? 13.924  -1.324  2.818   1.00 21.20 ? 9   U   A "O3'" 1 
ATOM   181 C "C2'" . U   A 1 9  ? 11.769  -2.015  1.883   1.00 16.53 ? 9   U   A "C2'" 1 
ATOM   182 O "O2'" . U   A 1 9  ? 12.240  -3.350  1.894   1.00 18.97 ? 9   U   A "O2'" 1 
ATOM   183 C "C1'" . U   A 1 9  ? 10.358  -1.961  2.473   1.00 18.38 ? 9   U   A "C1'" 1 
ATOM   184 N N1    . U   A 1 9  ? 9.594   -0.835  1.917   1.00 15.40 ? 9   U   A N1    1 
ATOM   185 C C2    . U   A 1 9  ? 8.995   -1.023  0.688   1.00 13.76 ? 9   U   A C2    1 
ATOM   186 O O2    . U   A 1 9  ? 9.065   -2.073  0.075   1.00 15.12 ? 9   U   A O2    1 
ATOM   187 N N3    . U   A 1 9  ? 8.314   0.066   0.204   1.00 14.83 ? 9   U   A N3    1 
ATOM   188 C C4    . U   A 1 9  ? 8.179   1.300   0.810   1.00 16.10 ? 9   U   A C4    1 
ATOM   189 O O4    . U   A 1 9  ? 7.548   2.192   0.241   1.00 16.49 ? 9   U   A O4    1 
ATOM   190 C C5    . U   A 1 9  ? 8.825   1.412   2.084   1.00 18.31 ? 9   U   A C5    1 
ATOM   191 C C6    . U   A 1 9  ? 9.490   0.363   2.581   1.00 16.72 ? 9   U   A C6    1 
ATOM   192 P P     . A   A 1 10 ? 14.823  -0.360  1.899   1.00 21.30 ? 10  A   A P     1 
ATOM   193 O OP1   . A   A 1 10 ? 16.242  -0.726  2.169   1.00 26.61 ? 10  A   A OP1   1 
ATOM   194 O OP2   . A   A 1 10 ? 14.389  1.049   2.052   1.00 21.47 ? 10  A   A OP2   1 
ATOM   195 O "O5'" . A   A 1 10 ? 14.477  -0.816  0.415   1.00 20.44 ? 10  A   A "O5'" 1 
ATOM   196 C "C5'" . A   A 1 10 ? 14.810  -2.120  -0.037  1.00 21.07 ? 10  A   A "C5'" 1 
ATOM   197 C "C4'" . A   A 1 10 ? 14.221  -2.369  -1.401  1.00 22.53 ? 10  A   A "C4'" 1 
ATOM   198 O "O4'" . A   A 1 10 ? 12.773  -2.293  -1.315  1.00 22.22 ? 10  A   A "O4'" 1 
ATOM   199 C "C3'" . A   A 1 10 ? 14.568  -1.360  -2.486  1.00 21.02 ? 10  A   A "C3'" 1 
ATOM   200 O "O3'" . A   A 1 10 ? 15.837  -1.630  -3.073  1.00 30.11 ? 10  A   A "O3'" 1 
ATOM   201 C "C2'" . A   A 1 10 ? 13.440  -1.597  -3.479  1.00 18.61 ? 10  A   A "C2'" 1 
ATOM   202 O "O2'" . A   A 1 10 ? 13.624  -2.791  -4.212  1.00 21.08 ? 10  A   A "O2'" 1 
ATOM   203 C "C1'" . A   A 1 10 ? 12.254  -1.779  -2.531  1.00 20.98 ? 10  A   A "C1'" 1 
ATOM   204 N N9    . A   A 1 10 ? 11.567  -0.521  -2.244  1.00 16.77 ? 10  A   A N9    1 
ATOM   205 C C8    . A   A 1 10 ? 11.698  0.303   -1.154  1.00 16.67 ? 10  A   A C8    1 
ATOM   206 N N7    . A   A 1 10 ? 10.928  1.364   -1.198  1.00 17.09 ? 10  A   A N7    1 
ATOM   207 C C5    . A   A 1 10 ? 10.244  1.228   -2.399  1.00 15.83 ? 10  A   A C5    1 
ATOM   208 C C6    . A   A 1 10 ? 9.271   2.023   -3.031  1.00 15.94 ? 10  A   A C6    1 
ATOM   209 N N6    . A   A 1 10 ? 8.784   3.154   -2.517  1.00 14.83 ? 10  A   A N6    1 
ATOM   210 N N1    . A   A 1 10 ? 8.806   1.608   -4.229  1.00 15.88 ? 10  A   A N1    1 
ATOM   211 C C2    . A   A 1 10 ? 9.282   0.470   -4.743  1.00 15.70 ? 10  A   A C2    1 
ATOM   212 N N3    . A   A 1 10 ? 10.188  -0.369  -4.242  1.00 15.79 ? 10  A   A N3    1 
ATOM   213 C C4    . A   A 1 10 ? 10.633  0.076   -3.055  1.00 16.93 ? 10  A   A C4    1 
ATOM   214 P P     . G   A 1 11 ? 16.703  -0.423  -3.689  1.00 29.52 ? 11  G   A P     1 
ATOM   215 O OP1   . G   A 1 11 ? 17.957  -1.020  -4.213  1.00 35.98 ? 11  G   A OP1   1 
ATOM   216 O OP2   . G   A 1 11 ? 16.775  0.675   -2.695  1.00 36.01 ? 11  G   A OP2   1 
ATOM   217 O "O5'" . G   A 1 11 ? 15.847  0.093   -4.934  1.00 32.87 ? 11  G   A "O5'" 1 
ATOM   218 C "C5'" . G   A 1 11 ? 15.706  -0.715  -6.093  1.00 31.03 ? 11  G   A "C5'" 1 
ATOM   219 C "C4'" . G   A 1 11 ? 14.587  -0.206  -6.979  1.00 28.01 ? 11  G   A "C4'" 1 
ATOM   220 O "O4'" . G   A 1 11 ? 13.390  0.003   -6.182  1.00 24.34 ? 11  G   A "O4'" 1 
ATOM   221 C "C3'" . G   A 1 11 ? 14.744  1.141   -7.671  1.00 21.50 ? 11  G   A "C3'" 1 
ATOM   222 O "O3'" . G   A 1 11 ? 15.587  1.059   -8.819  1.00 21.52 ? 11  G   A "O3'" 1 
ATOM   223 C "C2'" . G   A 1 11 ? 13.304  1.412   -8.086  1.00 19.26 ? 11  G   A "C2'" 1 
ATOM   224 O "O2'" . G   A 1 11 ? 12.905  0.609   -9.177  1.00 18.79 ? 11  G   A "O2'" 1 
ATOM   225 C "C1'" . G   A 1 11 ? 12.543  0.923   -6.855  1.00 19.92 ? 11  G   A "C1'" 1 
ATOM   226 N N9    . G   A 1 11 ? 12.182  2.016   -5.958  1.00 18.68 ? 11  G   A N9    1 
ATOM   227 C C8    . G   A 1 11 ? 12.723  2.329   -4.736  1.00 18.32 ? 11  G   A C8    1 
ATOM   228 N N7    . G   A 1 11 ? 12.160  3.371   -4.180  1.00 20.84 ? 11  G   A N7    1 
ATOM   229 C C5    . G   A 1 11 ? 11.191  3.766   -5.094  1.00 19.97 ? 11  G   A C5    1 
ATOM   230 C C6    . G   A 1 11 ? 10.255  4.838   -5.048  1.00 18.61 ? 11  G   A C6    1 
ATOM   231 O O6    . G   A 1 11 ? 10.081  5.678   -4.156  1.00 19.83 ? 11  G   A O6    1 
ATOM   232 N N1    . G   A 1 11 ? 9.465   4.877   -6.198  1.00 14.54 ? 11  G   A N1    1 
ATOM   233 C C2    . G   A 1 11 ? 9.567   4.003   -7.253  1.00 14.28 ? 11  G   A C2    1 
ATOM   234 N N2    . G   A 1 11 ? 8.726   4.207   -8.281  1.00 14.18 ? 11  G   A N2    1 
ATOM   235 N N3    . G   A 1 11 ? 10.428  3.002   -7.302  1.00 14.77 ? 11  G   A N3    1 
ATOM   236 C C4    . G   A 1 11 ? 11.202  2.944   -6.198  1.00 20.53 ? 11  G   A C4    1 
ATOM   237 P P     . C   A 1 12 ? 16.320  2.384   -9.374  1.00 20.77 ? 12  C   A P     1 
ATOM   238 O OP1   . C   A 1 12 ? 17.225  1.935   -10.464 1.00 24.79 ? 12  C   A OP1   1 
ATOM   239 O OP2   . C   A 1 12 ? 16.873  3.169   -8.241  1.00 18.91 ? 12  C   A OP2   1 
ATOM   240 O "O5'" . C   A 1 12 ? 15.149  3.245   -10.030 1.00 19.67 ? 12  C   A "O5'" 1 
ATOM   241 C "C5'" . C   A 1 12 ? 14.534  2.830   -11.245 1.00 17.11 ? 12  C   A "C5'" 1 
ATOM   242 C "C4'" . C   A 1 12 ? 13.484  3.831   -11.677 1.00 14.82 ? 12  C   A "C4'" 1 
ATOM   243 O "O4'" . C   A 1 12 ? 12.424  3.887   -10.687 1.00 17.65 ? 12  C   A "O4'" 1 
ATOM   244 C "C3'" . C   A 1 12 ? 13.944  5.274   -11.786 1.00 18.72 ? 12  C   A "C3'" 1 
ATOM   245 O "O3'" . C   A 1 12 ? 14.754  5.553   -12.941 1.00 18.26 ? 12  C   A "O3'" 1 
ATOM   246 C "C2'" . C   A 1 12 ? 12.624  6.029   -11.697 1.00 18.49 ? 12  C   A "C2'" 1 
ATOM   247 O "O2'" . C   A 1 12 ? 11.884  6.012   -12.902 1.00 15.96 ? 12  C   A "O2'" 1 
ATOM   248 C "C1'" . C   A 1 12 ? 11.879  5.195   -10.652 1.00 14.56 ? 12  C   A "C1'" 1 
ATOM   249 N N1    . C   A 1 12 ? 12.040  5.718   -9.291  1.00 15.99 ? 12  C   A N1    1 
ATOM   250 C C2    . C   A 1 12 ? 11.179  6.717   -8.849  1.00 17.42 ? 12  C   A C2    1 
ATOM   251 O O2    . C   A 1 12 ? 10.320  7.154   -9.630  1.00 16.15 ? 12  C   A O2    1 
ATOM   252 N N3    . C   A 1 12 ? 11.305  7.186   -7.585  1.00 17.20 ? 12  C   A N3    1 
ATOM   253 C C4    . C   A 1 12 ? 12.255  6.691   -6.786  1.00 15.78 ? 12  C   A C4    1 
ATOM   254 N N4    . C   A 1 12 ? 12.337  7.158   -5.539  1.00 20.12 ? 12  C   A N4    1 
ATOM   255 C C5    . C   A 1 12 ? 13.160  5.687   -7.223  1.00 16.54 ? 12  C   A C5    1 
ATOM   256 C C6    . C   A 1 12 ? 13.017  5.230   -8.470  1.00 17.45 ? 12  C   A C6    1 
ATOM   257 O "O5'" . C   B 2 1  ? 7.805   13.561  0.889   1.00 36.99 ? 13  C   B "O5'" 1 
ATOM   258 C "C5'" . C   B 2 1  ? 7.066   14.761  1.123   1.00 33.91 ? 13  C   B "C5'" 1 
ATOM   259 C "C4'" . C   B 2 1  ? 6.918   15.615  -0.114  1.00 33.60 ? 13  C   B "C4'" 1 
ATOM   260 O "O4'" . C   B 2 1  ? 8.236   15.985  -0.604  1.00 36.10 ? 13  C   B "O4'" 1 
ATOM   261 C "C3'" . C   B 2 1  ? 6.263   14.936  -1.306  1.00 34.65 ? 13  C   B "C3'" 1 
ATOM   262 O "O3'" . C   B 2 1  ? 4.844   14.976  -1.233  1.00 32.12 ? 13  C   B "O3'" 1 
ATOM   263 C "C2'" . C   B 2 1  ? 6.780   15.771  -2.466  1.00 33.99 ? 13  C   B "C2'" 1 
ATOM   264 O "O2'" . C   B 2 1  ? 6.089   16.996  -2.608  1.00 40.87 ? 13  C   B "O2'" 1 
ATOM   265 C "C1'" . C   B 2 1  ? 8.221   16.029  -2.024  1.00 32.01 ? 13  C   B "C1'" 1 
ATOM   266 N N1    . C   B 2 1  ? 9.138   14.994  -2.524  1.00 24.30 ? 13  C   B N1    1 
ATOM   267 C C2    . C   B 2 1  ? 9.421   14.955  -3.892  1.00 22.46 ? 13  C   B C2    1 
ATOM   268 O O2    . C   B 2 1  ? 8.910   15.802  -4.633  1.00 19.47 ? 13  C   B O2    1 
ATOM   269 N N3    . C   B 2 1  ? 10.250  13.998  -4.367  1.00 20.33 ? 13  C   B N3    1 
ATOM   270 C C4    . C   B 2 1  ? 10.794  13.112  -3.532  1.00 20.80 ? 13  C   B C4    1 
ATOM   271 N N4    . C   B 2 1  ? 11.605  12.185  -4.045  1.00 22.57 ? 13  C   B N4    1 
ATOM   272 C C5    . C   B 2 1  ? 10.529  13.135  -2.130  1.00 24.31 ? 13  C   B C5    1 
ATOM   273 C C6    . C   B 2 1  ? 9.702   14.084  -1.676  1.00 20.40 ? 13  C   B C6    1 
ATOM   274 P P     . G   B 2 2  ? 3.989   13.749  -1.821  1.00 29.13 ? 14  G   B P     1 
ATOM   275 O OP1   . G   B 2 2  ? 2.551   14.119  -1.729  1.00 34.45 ? 14  G   B OP1   1 
ATOM   276 O OP2   . G   B 2 2  ? 4.469   12.508  -1.170  1.00 30.45 ? 14  G   B OP2   1 
ATOM   277 O "O5'" . G   B 2 2  ? 4.395   13.695  -3.360  1.00 33.50 ? 14  G   B "O5'" 1 
ATOM   278 C "C5'" . G   B 2 2  ? 3.872   14.635  -4.289  1.00 28.06 ? 14  G   B "C5'" 1 
ATOM   279 C "C4'" . G   B 2 2  ? 4.267   14.252  -5.694  1.00 30.80 ? 14  G   B "C4'" 1 
ATOM   280 O "O4'" . G   B 2 2  ? 5.711   14.333  -5.827  1.00 29.02 ? 14  G   B "O4'" 1 
ATOM   281 C "C3'" . G   B 2 2  ? 3.942   12.823  -6.093  1.00 27.46 ? 14  G   B "C3'" 1 
ATOM   282 O "O3'" . G   B 2 2  ? 2.595   12.709  -6.535  1.00 31.55 ? 14  G   B "O3'" 1 
ATOM   283 C "C2'" . G   B 2 2  ? 4.926   12.587  -7.229  1.00 24.15 ? 14  G   B "C2'" 1 
ATOM   284 O "O2'" . G   B 2 2  ? 4.508   13.180  -8.439  1.00 24.26 ? 14  G   B "O2'" 1 
ATOM   285 C "C1'" . G   B 2 2  ? 6.164   13.318  -6.707  1.00 23.79 ? 14  G   B "C1'" 1 
ATOM   286 N N9    . G   B 2 2  ? 7.065   12.442  -5.968  1.00 27.34 ? 14  G   B N9    1 
ATOM   287 C C8    . G   B 2 2  ? 7.328   12.467  -4.620  1.00 24.45 ? 14  G   B C8    1 
ATOM   288 N N7    . G   B 2 2  ? 8.198   11.569  -4.251  1.00 25.07 ? 14  G   B N7    1 
ATOM   289 C C5    . G   B 2 2  ? 8.529   10.907  -5.427  1.00 23.43 ? 14  G   B C5    1 
ATOM   290 C C6    . G   B 2 2  ? 9.432   9.842   -5.656  1.00 15.92 ? 14  G   B C6    1 
ATOM   291 O O6    . G   B 2 2  ? 10.158  9.263   -4.846  1.00 18.21 ? 14  G   B O6    1 
ATOM   292 N N1    . G   B 2 2  ? 9.448   9.464   -6.999  1.00 17.81 ? 14  G   B N1    1 
ATOM   293 C C2    . G   B 2 2  ? 8.697   10.044  -7.990  1.00 18.21 ? 14  G   B C2    1 
ATOM   294 N N2    . G   B 2 2  ? 8.841   9.534   -9.226  1.00 18.35 ? 14  G   B N2    1 
ATOM   295 N N3    . G   B 2 2  ? 7.862   11.050  -7.789  1.00 20.05 ? 14  G   B N3    1 
ATOM   296 C C4    . G   B 2 2  ? 7.828   11.427  -6.494  1.00 22.06 ? 14  G   B C4    1 
ATOM   297 P P     . C   B 2 3  ? 1.811   11.322  -6.341  1.00 27.97 ? 15  C   B P     1 
ATOM   298 O OP1   . C   B 2 3  ? 0.443   11.515  -6.888  1.00 28.29 ? 15  C   B OP1   1 
ATOM   299 O OP2   . C   B 2 3  ? 1.981   10.840  -4.956  1.00 25.38 ? 15  C   B OP2   1 
ATOM   300 O "O5'" . C   B 2 3  ? 2.582   10.304  -7.291  1.00 24.17 ? 15  C   B "O5'" 1 
ATOM   301 C "C5'" . C   B 2 3  ? 2.428   10.373  -8.698  1.00 21.80 ? 15  C   B "C5'" 1 
ATOM   302 C "C4'" . C   B 2 3  ? 3.228   9.282   -9.359  1.00 20.10 ? 15  C   B "C4'" 1 
ATOM   303 O "O4'" . C   B 2 3  ? 4.642   9.495   -9.098  1.00 19.90 ? 15  C   B "O4'" 1 
ATOM   304 C "C3'" . C   B 2 3  ? 3.000   7.880   -8.827  1.00 18.00 ? 15  C   B "C3'" 1 
ATOM   305 O "O3'" . C   B 2 3  ? 1.802   7.304   -9.327  1.00 17.52 ? 15  C   B "O3'" 1 
ATOM   306 C "C2'" . C   B 2 3  ? 4.247   7.174   -9.337  1.00 15.24 ? 15  C   B "C2'" 1 
ATOM   307 O "O2'" . C   B 2 3  ? 4.195   6.939   -10.728 1.00 18.26 ? 15  C   B "O2'" 1 
ATOM   308 C "C1'" . C   B 2 3  ? 5.307   8.239   -9.054  1.00 17.30 ? 15  C   B "C1'" 1 
ATOM   309 N N1    . C   B 2 3  ? 5.903   8.062   -7.721  1.00 18.46 ? 15  C   B N1    1 
ATOM   310 C C2    . C   B 2 3  ? 6.905   7.101   -7.566  1.00 18.03 ? 15  C   B C2    1 
ATOM   311 O O2    . C   B 2 3  ? 7.260   6.448   -8.556  1.00 17.35 ? 15  C   B O2    1 
ATOM   312 N N3    . C   B 2 3  ? 7.458   6.907   -6.344  1.00 17.78 ? 15  C   B N3    1 
ATOM   313 C C4    . C   B 2 3  ? 7.038   7.631   -5.304  1.00 21.44 ? 15  C   B C4    1 
ATOM   314 N N4    . C   B 2 3  ? 7.605   7.401   -4.115  1.00 21.04 ? 15  C   B N4    1 
ATOM   315 C C5    . C   B 2 3  ? 6.019   8.621   -5.435  1.00 20.69 ? 15  C   B C5    1 
ATOM   316 C C6    . C   B 2 3  ? 5.486   8.803   -6.650  1.00 19.74 ? 15  C   B C6    1 
ATOM   317 P P     . U   B 2 4  ? 1.017   6.222   -8.437  1.00 17.97 ? 16  U   B P     1 
ATOM   318 O OP1   . U   B 2 4  ? -0.321  6.036   -9.053  1.00 19.95 ? 16  U   B OP1   1 
ATOM   319 O OP2   . U   B 2 4  ? 1.116   6.618   -7.012  1.00 19.53 ? 16  U   B OP2   1 
ATOM   320 O "O5'" . U   B 2 4  ? 1.855   4.884   -8.643  1.00 18.25 ? 16  U   B "O5'" 1 
ATOM   321 C "C5'" . U   B 2 4  ? 1.976   4.305   -9.936  1.00 15.85 ? 16  U   B "C5'" 1 
ATOM   322 C "C4'" . U   B 2 4  ? 2.956   3.157   -9.918  1.00 12.64 ? 16  U   B "C4'" 1 
ATOM   323 O "O4'" . U   B 2 4  ? 4.281   3.640   -9.572  1.00 15.31 ? 16  U   B "O4'" 1 
ATOM   324 C "C3'" . U   B 2 4  ? 2.714   2.056   -8.901  1.00 16.20 ? 16  U   B "C3'" 1 
ATOM   325 O "O3'" . U   B 2 4  ? 1.693   1.162   -9.327  1.00 15.99 ? 16  U   B "O3'" 1 
ATOM   326 C "C2'" . U   B 2 4  ? 4.079   1.384   -8.882  1.00 11.98 ? 16  U   B "C2'" 1 
ATOM   327 O "O2'" . U   B 2 4  ? 4.294   0.622   -10.054 1.00 16.89 ? 16  U   B "O2'" 1 
ATOM   328 C "C1'" . U   B 2 4  ? 5.002   2.605   -8.919  1.00 14.78 ? 16  U   B "C1'" 1 
ATOM   329 N N1    . U   B 2 4  ? 5.377   3.075   -7.578  1.00 15.04 ? 16  U   B N1    1 
ATOM   330 C C2    . U   B 2 4  ? 6.389   2.396   -6.928  1.00 13.36 ? 16  U   B C2    1 
ATOM   331 O O2    . U   B 2 4  ? 6.952   1.428   -7.410  1.00 15.85 ? 16  U   B O2    1 
ATOM   332 N N3    . U   B 2 4  ? 6.714   2.893   -5.689  1.00 16.18 ? 16  U   B N3    1 
ATOM   333 C C4    . U   B 2 4  ? 6.139   3.973   -5.048  1.00 17.13 ? 16  U   B C4    1 
ATOM   334 O O4    . U   B 2 4  ? 6.581   4.335   -3.955  1.00 19.02 ? 16  U   B O4    1 
ATOM   335 C C5    . U   B 2 4  ? 5.087   4.610   -5.780  1.00 19.77 ? 16  U   B C5    1 
ATOM   336 C C6    . U   B 2 4  ? 4.752   4.149   -6.992  1.00 15.52 ? 16  U   B C6    1 
ATOM   337 P P     . A   B 2 5  ? 0.912   0.264   -8.243  1.00 16.78 ? 17  A   B P     1 
ATOM   338 O OP1   . A   B 2 5  ? -0.240  -0.359  -8.939  1.00 19.98 ? 17  A   B OP1   1 
ATOM   339 O OP2   . A   B 2 5  ? 0.676   1.064   -7.012  1.00 18.62 ? 17  A   B OP2   1 
ATOM   340 O "O5'" . A   B 2 5  ? 1.953   -0.881  -7.876  1.00 16.47 ? 17  A   B "O5'" 1 
ATOM   341 C "C5'" . A   B 2 5  ? 2.404   -1.808  -8.852  1.00 15.73 ? 17  A   B "C5'" 1 
ATOM   342 C "C4'" . A   B 2 5  ? 3.502   -2.668  -8.277  1.00 18.14 ? 17  A   B "C4'" 1 
ATOM   343 O "O4'" . A   B 2 5  ? 4.644   -1.834  -7.936  1.00 17.78 ? 17  A   B "O4'" 1 
ATOM   344 C "C3'" . A   B 2 5  ? 3.154   -3.365  -6.972  1.00 19.06 ? 17  A   B "C3'" 1 
ATOM   345 O "O3'" . A   B 2 5  ? 2.445   -4.571  -7.217  1.00 17.43 ? 17  A   B "O3'" 1 
ATOM   346 C "C2'" . A   B 2 5  ? 4.535   -3.622  -6.386  1.00 17.39 ? 17  A   B "C2'" 1 
ATOM   347 O "O2'" . A   B 2 5  ? 5.195   -4.696  -7.029  1.00 20.78 ? 17  A   B "O2'" 1 
ATOM   348 C "C1'" . A   B 2 5  ? 5.249   -2.317  -6.743  1.00 20.04 ? 17  A   B "C1'" 1 
ATOM   349 N N9    . A   B 2 5  ? 5.121   -1.281  -5.716  1.00 14.73 ? 17  A   B N9    1 
ATOM   350 C C8    . A   B 2 5  ? 4.238   -0.229  -5.698  1.00 14.01 ? 17  A   B C8    1 
ATOM   351 N N7    . A   B 2 5  ? 4.385   0.570   -4.667  1.00 16.02 ? 17  A   B N7    1 
ATOM   352 C C5    . A   B 2 5  ? 5.430   0.003   -3.952  1.00 14.66 ? 17  A   B C5    1 
ATOM   353 C C6    . A   B 2 5  ? 6.074   0.384   -2.760  1.00 13.73 ? 17  A   B C6    1 
ATOM   354 N N6    . A   B 2 5  ? 5.760   1.478   -2.068  1.00 15.19 ? 17  A   B N6    1 
ATOM   355 N N1    . A   B 2 5  ? 7.072   -0.408  -2.307  1.00 12.62 ? 17  A   B N1    1 
ATOM   356 C C2    . A   B 2 5  ? 7.398   -1.497  -3.013  1.00 11.86 ? 17  A   B C2    1 
ATOM   357 N N3    . A   B 2 5  ? 6.874   -1.954  -4.153  1.00 17.28 ? 17  A   B N3    1 
ATOM   358 C C4    . A   B 2 5  ? 5.883   -1.147  -4.575  1.00 14.53 ? 17  A   B C4    1 
ATOM   359 P P     . C   B 2 6  ? 1.352   -5.079  -6.157  1.00 17.91 ? 18  C   B P     1 
ATOM   360 O OP1   . C   B 2 6  ? 0.582   -6.162  -6.821  1.00 21.56 ? 18  C   B OP1   1 
ATOM   361 O OP2   . C   B 2 6  ? 0.638   -3.912  -5.585  1.00 18.01 ? 18  C   B OP2   1 
ATOM   362 O "O5'" . C   B 2 6  ? 2.223   -5.718  -4.988  1.00 17.38 ? 18  C   B "O5'" 1 
ATOM   363 C "C5'" . C   B 2 6  ? 3.159   -6.746  -5.261  1.00 15.06 ? 18  C   B "C5'" 1 
ATOM   364 C "C4'" . C   B 2 6  ? 4.133   -6.868  -4.120  1.00 12.98 ? 18  C   B "C4'" 1 
ATOM   365 O "O4'" . C   B 2 6  ? 4.905   -5.643  -4.017  1.00 15.75 ? 18  C   B "O4'" 1 
ATOM   366 C "C3'" . C   B 2 6  ? 3.510   -7.005  -2.742  1.00 16.92 ? 18  C   B "C3'" 1 
ATOM   367 O "O3'" . C   B 2 6  ? 3.100   -8.342  -2.480  1.00 16.15 ? 18  C   B "O3'" 1 
ATOM   368 C "C2'" . C   B 2 6  ? 4.660   -6.569  -1.851  1.00 13.30 ? 18  C   B "C2'" 1 
ATOM   369 O "O2'" . C   B 2 6  ? 5.651   -7.573  -1.749  1.00 17.64 ? 18  C   B "O2'" 1 
ATOM   370 C "C1'" . C   B 2 6  ? 5.218   -5.393  -2.655  1.00 14.67 ? 18  C   B "C1'" 1 
ATOM   371 N N1    . C   B 2 6  ? 4.632   -4.098  -2.265  1.00 13.50 ? 18  C   B N1    1 
ATOM   372 C C2    . C   B 2 6  ? 5.174   -3.434  -1.165  1.00 13.42 ? 18  C   B C2    1 
ATOM   373 O O2    . C   B 2 6  ? 6.107   -3.964  -0.556  1.00 15.92 ? 18  C   B O2    1 
ATOM   374 N N3    . C   B 2 6  ? 4.667   -2.235  -0.794  1.00 16.10 ? 18  C   B N3    1 
ATOM   375 C C4    . C   B 2 6  ? 3.656   -1.700  -1.482  1.00 17.11 ? 18  C   B C4    1 
ATOM   376 N N4    . C   B 2 6  ? 3.200   -0.503  -1.096  1.00 12.14 ? 18  C   B N4    1 
ATOM   377 C C5    . C   B 2 6  ? 3.072   -2.363  -2.600  1.00 13.14 ? 18  C   B C5    1 
ATOM   378 C C6    . C   B 2 6  ? 3.586   -3.550  -2.956  1.00 16.33 ? 18  C   B C6    1 
ATOM   379 P P     . U   B 2 7  ? 1.950   -8.621  -1.392  1.00 15.93 ? 19  U   B P     1 
ATOM   380 O OP1   . U   B 2 7  ? 1.676   -10.081 -1.414  1.00 19.57 ? 19  U   B OP1   1 
ATOM   381 O OP2   . U   B 2 7  ? 0.832   -7.667  -1.589  1.00 17.08 ? 19  U   B OP2   1 
ATOM   382 O "O5'" . U   B 2 7  ? 2.629   -8.239  -0.004  1.00 13.77 ? 19  U   B "O5'" 1 
ATOM   383 C "C5'" . U   B 2 7  ? 3.689   -9.016  0.534   1.00 14.38 ? 19  U   B "C5'" 1 
ATOM   384 C "C4'" . U   B 2 7  ? 4.073   -8.486  1.893   1.00 13.55 ? 19  U   B "C4'" 1 
ATOM   385 O "O4'" . U   B 2 7  ? 4.690   -7.180  1.754   1.00 14.15 ? 19  U   B "O4'" 1 
ATOM   386 C "C3'" . U   B 2 7  ? 2.918   -8.232  2.846   1.00 12.93 ? 19  U   B "C3'" 1 
ATOM   387 O "O3'" . U   B 2 7  ? 2.533   -9.427  3.495   1.00 13.06 ? 19  U   B "O3'" 1 
ATOM   388 C "C2'" . U   B 2 7  ? 3.548   -7.255  3.826   1.00 13.74 ? 19  U   B "C2'" 1 
ATOM   389 O "O2'" . U   B 2 7  ? 4.443   -7.893  4.722   1.00 15.39 ? 19  U   B "O2'" 1 
ATOM   390 C "C1'" . U   B 2 7  ? 4.346   -6.371  2.867   1.00 10.69 ? 19  U   B "C1'" 1 
ATOM   391 N N1    . U   B 2 7  ? 3.565   -5.224  2.380   1.00 13.95 ? 19  U   B N1    1 
ATOM   392 C C2    . U   B 2 7  ? 3.479   -4.115  3.196   1.00 15.44 ? 19  U   B C2    1 
ATOM   393 O O2    . U   B 2 7  ? 4.002   -4.064  4.291   1.00 15.34 ? 19  U   B O2    1 
ATOM   394 N N3    . U   B 2 7  ? 2.753   -3.068  2.682   1.00 14.65 ? 19  U   B N3    1 
ATOM   395 C C4    . U   B 2 7  ? 2.111   -3.026  1.459   1.00 14.25 ? 19  U   B C4    1 
ATOM   396 O O4    . U   B 2 7  ? 1.494   -2.008  1.129   1.00 14.57 ? 19  U   B O4    1 
ATOM   397 C C5    . U   B 2 7  ? 2.238   -4.219  0.679   1.00 12.97 ? 19  U   B C5    1 
ATOM   398 C C6    . U   B 2 7  ? 2.944   -5.251  1.154   1.00 14.29 ? 19  U   B C6    1 
ATOM   399 P P     . A   B 2 8  ? 0.996   -9.664  3.897   1.00 15.34 ? 20  A   B P     1 
ATOM   400 O OP1   . A   B 2 8  ? 0.220   -9.862  2.646   1.00 19.38 ? 20  A   B OP1   1 
ATOM   401 O OP2   . A   B 2 8  ? 0.566   -8.620  4.866   1.00 17.03 ? 20  A   B OP2   1 
ATOM   402 O "O5'" . A   B 2 8  ? 1.079   -11.090 4.598   1.00 18.37 ? 20  A   B "O5'" 1 
ATOM   403 C "C5'" . A   B 2 8  ? 0.347   -11.419 5.765   1.00 14.46 ? 20  A   B "C5'" 1 
ATOM   404 C "C4'" . A   B 2 8  ? 1.076   -12.516 6.501   1.00 11.40 ? 20  A   B "C4'" 1 
ATOM   405 O "O4'" . A   B 2 8  ? 1.358   -13.581 5.553   1.00 16.49 ? 20  A   B "O4'" 1 
ATOM   406 C "C3'" . A   B 2 8  ? 2.451   -12.105 6.992   1.00 10.82 ? 20  A   B "C3'" 1 
ATOM   407 O "O3'" . A   B 2 8  ? 2.365   -11.516 8.278   1.00 13.27 ? 20  A   B "O3'" 1 
ATOM   408 C "C2'" . A   B 2 8  ? 3.210   -13.427 7.042   1.00 12.63 ? 20  A   B "C2'" 1 
ATOM   409 O "O2'" . A   B 2 8  ? 2.966   -14.180 8.210   1.00 13.85 ? 20  A   B "O2'" 1 
ATOM   410 C "C1'" . A   B 2 8  ? 2.623   -14.159 5.839   1.00 14.22 ? 20  A   B "C1'" 1 
ATOM   411 N N9    . A   B 2 8  ? 3.459   -14.088 4.642   1.00 14.51 ? 20  A   B N9    1 
ATOM   412 C C8    . A   B 2 8  ? 3.469   -13.144 3.645   1.00 14.71 ? 20  A   B C8    1 
ATOM   413 N N7    . A   B 2 8  ? 4.341   -13.388 2.694   1.00 17.56 ? 20  A   B N7    1 
ATOM   414 C C5    . A   B 2 8  ? 4.947   -14.570 3.095   1.00 15.21 ? 20  A   B C5    1 
ATOM   415 C C6    . A   B 2 8  ? 5.955   -15.362 2.519   1.00 19.58 ? 20  A   B C6    1 
ATOM   416 N N6    . A   B 2 8  ? 6.559   -15.070 1.363   1.00 21.74 ? 20  A   B N6    1 
ATOM   417 N N1    . A   B 2 8  ? 6.327   -16.481 3.178   1.00 15.72 ? 20  A   B N1    1 
ATOM   418 C C2    . A   B 2 8  ? 5.725   -16.774 4.335   1.00 15.36 ? 20  A   B C2    1 
ATOM   419 N N3    . A   B 2 8  ? 4.765   -16.111 4.977   1.00 15.85 ? 20  A   B N3    1 
ATOM   420 C C4    . A   B 2 8  ? 4.417   -15.008 4.295   1.00 15.20 ? 20  A   B C4    1 
ATOM   421 P P     . A   B 2 9  ? 3.361   -10.331 8.665   1.00 12.51 ? 21  A   B P     1 
ATOM   422 O OP1   . A   B 2 9  ? 4.710   -10.683 8.170   1.00 14.89 ? 21  A   B OP1   1 
ATOM   423 O OP2   . A   B 2 9  ? 3.161   -10.017 10.107  1.00 14.17 ? 21  A   B OP2   1 
ATOM   424 O "O5'" . A   B 2 9  ? 2.853   -9.103  7.790   1.00 12.76 ? 21  A   B "O5'" 1 
ATOM   425 C "C5'" . A   B 2 9  ? 1.562   -8.554  8.006   1.00 14.91 ? 21  A   B "C5'" 1 
ATOM   426 C "C4'" . A   B 2 9  ? 1.663   -7.335  8.883   1.00 11.56 ? 21  A   B "C4'" 1 
ATOM   427 O "O4'" . A   B 2 9  ? 2.399   -6.290  8.188   1.00 12.85 ? 21  A   B "O4'" 1 
ATOM   428 C "C3'" . A   B 2 9  ? 0.332   -6.690  9.218   1.00 13.61 ? 21  A   B "C3'" 1 
ATOM   429 O "O3'" . A   B 2 9  ? -0.276  -7.369  10.310  1.00 14.75 ? 21  A   B "O3'" 1 
ATOM   430 C "C2'" . A   B 2 9  ? 0.759   -5.269  9.556   1.00 15.77 ? 21  A   B "C2'" 1 
ATOM   431 O "O2'" . A   B 2 9  ? 1.348   -5.178  10.842  1.00 18.05 ? 21  A   B "O2'" 1 
ATOM   432 C "C1'" . A   B 2 9  ? 1.824   -5.027  8.483   1.00 14.96 ? 21  A   B "C1'" 1 
ATOM   433 N N9    . A   B 2 9  ? 1.273   -4.482  7.240   1.00 13.17 ? 21  A   B N9    1 
ATOM   434 C C8    . A   B 2 9  ? 1.051   -5.144  6.053   1.00 16.18 ? 21  A   B C8    1 
ATOM   435 N N7    . A   B 2 9  ? 0.544   -4.385  5.110   1.00 14.79 ? 21  A   B N7    1 
ATOM   436 C C5    . A   B 2 9  ? 0.425   -3.140  5.712   1.00 13.23 ? 21  A   B C5    1 
ATOM   437 C C6    . A   B 2 9  ? -0.049  -1.901  5.240   1.00 15.41 ? 21  A   B C6    1 
ATOM   438 N N6    . A   B 2 9  ? -0.500  -1.704  3.996   1.00 14.72 ? 21  A   B N6    1 
ATOM   439 N N1    . A   B 2 9  ? -0.041  -0.859  6.099   1.00 15.82 ? 21  A   B N1    1 
ATOM   440 C C2    . A   B 2 9  ? 0.419   -1.054  7.342   1.00 15.98 ? 21  A   B C2    1 
ATOM   441 N N3    . A   B 2 9  ? 0.893   -2.169  7.901   1.00 15.63 ? 21  A   B N3    1 
ATOM   442 C C4    . A   B 2 9  ? 0.867   -3.186  7.025   1.00 14.02 ? 21  A   B C4    1 
ATOM   443 P P     . C   B 2 10 ? -1.878  -7.498  10.374  1.00 16.84 ? 22  C   B P     1 
ATOM   444 O OP1   . C   B 2 10 ? -2.208  -8.302  11.581  1.00 18.20 ? 22  C   B OP1   1 
ATOM   445 O OP2   . C   B 2 10 ? -2.394  -7.918  9.051   1.00 17.60 ? 22  C   B OP2   1 
ATOM   446 O "O5'" . C   B 2 10 ? -2.355  -6.004  10.627  1.00 16.87 ? 22  C   B "O5'" 1 
ATOM   447 C "C5'" . C   B 2 10 ? -1.998  -5.327  11.821  1.00 14.96 ? 22  C   B "C5'" 1 
ATOM   448 C "C4'" . C   B 2 10 ? -2.386  -3.875  11.731  1.00 17.90 ? 22  C   B "C4'" 1 
ATOM   449 O "O4'" . C   B 2 10 ? -1.620  -3.229  10.676  1.00 16.17 ? 22  C   B "O4'" 1 
ATOM   450 C "C3'" . C   B 2 10 ? -3.818  -3.604  11.312  1.00 17.10 ? 22  C   B "C3'" 1 
ATOM   451 O "O3'" . C   B 2 10 ? -4.751  -3.829  12.361  1.00 19.59 ? 22  C   B "O3'" 1 
ATOM   452 C "C2'" . C   B 2 10 ? -3.713  -2.148  10.883  1.00 15.04 ? 22  C   B "C2'" 1 
ATOM   453 O "O2'" . C   B 2 10 ? -3.586  -1.275  11.989  1.00 20.96 ? 22  C   B "O2'" 1 
ATOM   454 C "C1'" . C   B 2 10 ? -2.395  -2.180  10.107  1.00 15.11 ? 22  C   B "C1'" 1 
ATOM   455 N N1    . C   B 2 10 ? -2.631  -2.477  8.683   1.00 14.93 ? 22  C   B N1    1 
ATOM   456 C C2    . C   B 2 10 ? -2.978  -1.421  7.843   1.00 16.40 ? 22  C   B C2    1 
ATOM   457 O O2    . C   B 2 10 ? -3.033  -0.281  8.319   1.00 16.67 ? 22  C   B O2    1 
ATOM   458 N N3    . C   B 2 10 ? -3.241  -1.668  6.539   1.00 13.48 ? 22  C   B N3    1 
ATOM   459 C C4    . C   B 2 10 ? -3.163  -2.912  6.065   1.00 13.08 ? 22  C   B C4    1 
ATOM   460 N N4    . C   B 2 10 ? -3.443  -3.104  4.770   1.00 12.27 ? 22  C   B N4    1 
ATOM   461 C C5    . C   B 2 10 ? -2.795  -4.014  6.896   1.00 12.02 ? 22  C   B C5    1 
ATOM   462 C C6    . C   B 2 10 ? -2.536  -3.751  8.189   1.00 13.71 ? 22  C   B C6    1 
ATOM   463 P P     . G   B 2 11 ? -6.209  -4.410  12.008  1.00 20.63 ? 23  G   B P     1 
ATOM   464 O OP1   . G   B 2 11 ? -6.844  -4.813  13.289  1.00 23.27 ? 23  G   B OP1   1 
ATOM   465 O OP2   . G   B 2 11 ? -6.117  -5.383  10.894  1.00 23.00 ? 23  G   B OP2   1 
ATOM   466 O "O5'" . G   B 2 11 ? -6.992  -3.134  11.470  1.00 17.76 ? 23  G   B "O5'" 1 
ATOM   467 C "C5'" . G   B 2 11 ? -7.217  -2.030  12.327  1.00 17.22 ? 23  G   B "C5'" 1 
ATOM   468 C "C4'" . G   B 2 11 ? -7.659  -0.828  11.535  1.00 14.26 ? 23  G   B "C4'" 1 
ATOM   469 O "O4'" . G   B 2 11 ? -6.632  -0.488  10.568  1.00 14.34 ? 23  G   B "O4'" 1 
ATOM   470 C "C3'" . G   B 2 11 ? -8.897  -0.984  10.667  1.00 15.67 ? 23  G   B "C3'" 1 
ATOM   471 O "O3'" . G   B 2 11 ? -10.097 -0.907  11.429  1.00 14.29 ? 23  G   B "O3'" 1 
ATOM   472 C "C2'" . G   B 2 11 ? -8.737  0.208   9.738   1.00 12.76 ? 23  G   B "C2'" 1 
ATOM   473 O "O2'" . G   B 2 11 ? -9.026  1.435   10.385  1.00 16.15 ? 23  G   B "O2'" 1 
ATOM   474 C "C1'" . G   B 2 11 ? -7.236  0.147   9.450   1.00 13.96 ? 23  G   B "C1'" 1 
ATOM   475 N N9    . G   B 2 11 ? -6.966  -0.648  8.257   1.00 12.57 ? 23  G   B N9    1 
ATOM   476 C C8    . G   B 2 11 ? -6.466  -1.926  8.189   1.00 15.46 ? 23  G   B C8    1 
ATOM   477 N N7    . G   B 2 11 ? -6.363  -2.369  6.964   1.00 14.81 ? 23  G   B N7    1 
ATOM   478 C C5    . G   B 2 11 ? -6.810  -1.314  6.179   1.00 12.83 ? 23  G   B C5    1 
ATOM   479 C C6    . G   B 2 11 ? -6.925  -1.197  4.767   1.00 11.34 ? 23  G   B C6    1 
ATOM   480 O O6    . G   B 2 11 ? -6.621  -2.020  3.897   1.00 11.08 ? 23  G   B O6    1 
ATOM   481 N N1    . G   B 2 11 ? -7.450  0.039   4.398   1.00 12.25 ? 23  G   B N1    1 
ATOM   482 C C2    . G   B 2 11 ? -7.808  1.036   5.269   1.00 15.36 ? 23  G   B C2    1 
ATOM   483 N N2    . G   B 2 11 ? -8.312  2.146   4.721   1.00 14.92 ? 23  G   B N2    1 
ATOM   484 N N3    . G   B 2 11 ? -7.686  0.948   6.580   1.00 12.83 ? 23  G   B N3    1 
ATOM   485 C C4    . G   B 2 11 ? -7.188  -0.248  6.964   1.00 12.95 ? 23  G   B C4    1 
ATOM   486 P P     . C   B 2 12 ? -11.415 -1.677  10.922  1.00 17.06 ? 24  C   B P     1 
ATOM   487 O OP1   . C   B 2 12 ? -12.443 -1.532  11.990  1.00 17.45 ? 24  C   B OP1   1 
ATOM   488 O OP2   . C   B 2 12 ? -11.043 -3.031  10.439  1.00 18.77 ? 24  C   B OP2   1 
ATOM   489 O "O5'" . C   B 2 12 ? -11.894 -0.840  9.655   1.00 16.11 ? 24  C   B "O5'" 1 
ATOM   490 C "C5'" . C   B 2 12 ? -12.222 0.539   9.788   1.00 13.91 ? 24  C   B "C5'" 1 
ATOM   491 C "C4'" . C   B 2 12 ? -12.380 1.178   8.431   1.00 14.29 ? 24  C   B "C4'" 1 
ATOM   492 O "O4'" . C   B 2 12 ? -11.148 1.030   7.683   1.00 13.84 ? 24  C   B "O4'" 1 
ATOM   493 C "C3'" . C   B 2 12 ? -13.420 0.558   7.515   1.00 14.11 ? 24  C   B "C3'" 1 
ATOM   494 O "O3'" . C   B 2 12 ? -14.708 1.050   7.832   1.00 15.21 ? 24  C   B "O3'" 1 
ATOM   495 C "C2'" . C   B 2 12 ? -12.965 1.061   6.152   1.00 13.47 ? 24  C   B "C2'" 1 
ATOM   496 O "O2'" . C   B 2 12 ? -13.342 2.401   5.915   1.00 15.97 ? 24  C   B "O2'" 1 
ATOM   497 C "C1'" . C   B 2 12 ? -11.445 0.974   6.297   1.00 12.23 ? 24  C   B "C1'" 1 
ATOM   498 N N1    . C   B 2 12 ? -10.911 -0.279  5.741   1.00 13.31 ? 24  C   B N1    1 
ATOM   499 C C2    . C   B 2 12 ? -10.834 -0.392  4.356   1.00 13.14 ? 24  C   B C2    1 
ATOM   500 O O2    . C   B 2 12 ? -11.210 0.563   3.667   1.00 12.95 ? 24  C   B O2    1 
ATOM   501 N N3    . C   B 2 12 ? -10.358 -1.534  3.807   1.00 11.74 ? 24  C   B N3    1 
ATOM   502 C C4    . C   B 2 12 ? -9.976  -2.540  4.594   1.00 14.42 ? 24  C   B C4    1 
ATOM   503 N N4    . C   B 2 12 ? -9.518  -3.653  4.009   1.00 14.32 ? 24  C   B N4    1 
ATOM   504 C C5    . C   B 2 12 ? -10.044 -2.452  6.017   1.00 13.99 ? 24  C   B C5    1 
ATOM   505 C C6    . C   B 2 12 ? -10.512 -1.309  6.543   1.00 14.14 ? 24  C   B C6    1 
ATOM   506 P P     . G   B 2 13 ? -15.997 0.165   7.504   1.00 16.65 ? 25  G   B P     1 
ATOM   507 O OP1   . G   B 2 13 ? -17.152 0.948   8.026   1.00 20.35 ? 25  G   B OP1   1 
ATOM   508 O OP2   . G   B 2 13 ? -15.787 -1.226  7.960   1.00 18.60 ? 25  G   B OP2   1 
ATOM   509 O "O5'" . G   B 2 13 ? -16.084 0.159   5.912   1.00 15.55 ? 25  G   B "O5'" 1 
ATOM   510 C "C5'" . G   B 2 13 ? -16.504 1.321   5.212   1.00 15.68 ? 25  G   B "C5'" 1 
ATOM   511 C "C4'" . G   B 2 13 ? -16.511 1.068   3.721   1.00 18.71 ? 25  G   B "C4'" 1 
ATOM   512 O "O4'" . G   B 2 13 ? -15.168 0.752   3.271   1.00 19.52 ? 25  G   B "O4'" 1 
ATOM   513 C "C3'" . G   B 2 13 ? -17.318 -0.123  3.239   1.00 19.75 ? 25  G   B "C3'" 1 
ATOM   514 O "O3'" . G   B 2 13 ? -18.732 0.109   3.248   1.00 21.60 ? 25  G   B "O3'" 1 
ATOM   515 C "C2'" . G   B 2 13 ? -16.729 -0.349  1.853   1.00 20.76 ? 25  G   B "C2'" 1 
ATOM   516 O "O2'" . G   B 2 13 ? -17.229 0.581   0.913   1.00 22.83 ? 25  G   B "O2'" 1 
ATOM   517 C "C1'" . G   B 2 13 ? -15.246 -0.058  2.107   1.00 17.75 ? 25  G   B "C1'" 1 
ATOM   518 N N9    . G   B 2 13 ? -14.449 -1.263  2.319   1.00 15.97 ? 25  G   B N9    1 
ATOM   519 C C8    . G   B 2 13 ? -14.074 -1.821  3.516   1.00 16.19 ? 25  G   B C8    1 
ATOM   520 N N7    . G   B 2 13 ? -13.364 -2.910  3.373   1.00 15.56 ? 25  G   B N7    1 
ATOM   521 C C5    . G   B 2 13 ? -13.262 -3.076  1.998   1.00 16.50 ? 25  G   B C5    1 
ATOM   522 C C6    . G   B 2 13 ? -12.608 -4.083  1.236   1.00 14.56 ? 25  G   B C6    1 
ATOM   523 O O6    . G   B 2 13 ? -11.965 -5.062  1.638   1.00 15.44 ? 25  G   B O6    1 
ATOM   524 N N1    . G   B 2 13 ? -12.762 -3.867  -0.132  1.00 15.35 ? 25  G   B N1    1 
ATOM   525 C C2    . G   B 2 13 ? -13.451 -2.824  -0.694  1.00 16.78 ? 25  G   B C2    1 
ATOM   526 N N2    . G   B 2 13 ? -13.493 -2.791  -2.036  1.00 19.31 ? 25  G   B N2    1 
ATOM   527 N N3    . G   B 2 13 ? -14.058 -1.878  0.004   1.00 18.02 ? 25  G   B N3    1 
ATOM   528 C C4    . G   B 2 13 ? -13.924 -2.068  1.334   1.00 14.90 ? 25  G   B C4    1 
HETATM 529 S S     . SO4 C 3 .  ? -17.537 -4.632  -6.466  1.00 46.60 ? 13  SO4 A S     1 
HETATM 530 O O1    . SO4 C 3 .  ? -16.342 -3.753  -6.812  1.00 47.52 ? 13  SO4 A O1    1 
HETATM 531 O O2    . SO4 C 3 .  ? -17.290 -5.039  -5.018  1.00 38.73 ? 13  SO4 A O2    1 
HETATM 532 O O3    . SO4 C 3 .  ? -18.730 -3.859  -6.541  1.00 48.54 ? 13  SO4 A O3    1 
HETATM 533 O O4    . SO4 C 3 .  ? -17.520 -5.793  -7.288  1.00 46.01 ? 13  SO4 A O4    1 
HETATM 534 I I     . IOD D 4 .  ? 5.159   -2.922  8.698   1.00 27.12 ? 14  IOD A I     1 
HETATM 535 I I     . IOD E 4 .  ? -13.284 3.456   0.253   1.00 42.53 ? 15  IOD A I     1 
HETATM 536 I I     . IOD F 4 .  ? -2.266  -14.512 6.668   1.00 32.93 ? 2   IOD B I     1 
HETATM 537 O O     . HOH G 5 .  ? 9.598   7.371   -12.935 1.00 16.75 ? 16  HOH A O     1 
HETATM 538 O O     . HOH G 5 .  ? -3.875  0.622   -0.612  1.00 17.77 ? 17  HOH A O     1 
HETATM 539 O O     . HOH G 5 .  ? -5.653  -1.569  -3.900  1.00 20.55 ? 18  HOH A O     1 
HETATM 540 O O     . HOH G 5 .  ? -2.074  4.442   1.513   1.00 19.03 ? 19  HOH A O     1 
HETATM 541 O O     . HOH G 5 .  ? 7.999   -5.356  3.443   1.00 20.11 ? 20  HOH A O     1 
HETATM 542 O O     . HOH G 5 .  ? -2.514  3.898   -1.128  1.00 20.91 ? 21  HOH A O     1 
HETATM 543 O O     . HOH G 5 .  ? 8.943   -4.686  -0.646  1.00 29.01 ? 22  HOH A O     1 
HETATM 544 O O     . HOH G 5 .  ? 10.022  0.898   -8.922  1.00 24.70 ? 23  HOH A O     1 
HETATM 545 O O     . HOH G 5 .  ? 2.122   4.588   1.750   1.00 25.02 ? 24  HOH A O     1 
HETATM 546 O O     . HOH G 5 .  ? -3.134  -2.051  1.014   1.00 25.34 ? 25  HOH A O     1 
HETATM 547 O O     . HOH G 5 .  ? -11.359 3.571   3.251   1.00 20.14 ? 26  HOH A O     1 
HETATM 548 O O     . HOH G 5 .  ? 0.656   2.499   -0.182  1.00 35.61 ? 27  HOH A O     1 
HETATM 549 O O     . HOH G 5 .  ? 11.483  -5.200  0.118   1.00 26.59 ? 28  HOH A O     1 
HETATM 550 O O     . HOH G 5 .  ? -6.754  9.469   4.596   1.00 24.53 ? 29  HOH A O     1 
HETATM 551 O O     . HOH G 5 .  ? 9.008   5.821   -0.599  1.00 39.59 ? 30  HOH A O     1 
HETATM 552 O O     . HOH G 5 .  ? 6.524   4.667   1.109   1.00 30.45 ? 31  HOH A O     1 
HETATM 553 O O     . HOH G 5 .  ? 8.951   4.118   4.220   1.00 25.81 ? 32  HOH A O     1 
HETATM 554 O O     . HOH G 5 .  ? -4.592  2.072   -2.861  1.00 19.69 ? 33  HOH A O     1 
HETATM 555 O O     . HOH G 5 .  ? -1.221  0.802   0.720   1.00 21.13 ? 34  HOH A O     1 
HETATM 556 O O     . HOH G 5 .  ? -5.403  -2.789  -1.215  1.00 25.27 ? 35  HOH A O     1 
HETATM 557 O O     . HOH G 5 .  ? 3.570   6.318   2.970   1.00 31.42 ? 36  HOH A O     1 
HETATM 558 O O     . HOH G 5 .  ? 3.897   3.271   0.607   1.00 23.07 ? 37  HOH A O     1 
HETATM 559 O O     . HOH G 5 .  ? 12.183  3.089   2.874   1.00 27.21 ? 38  HOH A O     1 
HETATM 560 O O     . HOH G 5 .  ? -13.559 -3.873  -6.167  1.00 36.76 ? 39  HOH A O     1 
HETATM 561 O O     . HOH G 5 .  ? 10.919  3.839   0.205   1.00 30.81 ? 40  HOH A O     1 
HETATM 562 O O     . HOH G 5 .  ? -7.223  9.403   -2.045  1.00 29.41 ? 41  HOH A O     1 
HETATM 563 O O     . HOH G 5 .  ? -6.074  -12.493 -7.585  1.00 24.26 ? 42  HOH A O     1 
HETATM 564 O O     . HOH G 5 .  ? -6.096  -7.481  -2.836  1.00 27.35 ? 43  HOH A O     1 
HETATM 565 O O     . HOH G 5 .  ? -9.443  -4.171  -9.893  1.00 30.86 ? 44  HOH A O     1 
HETATM 566 O O     . HOH G 5 .  ? 5.223   4.532   3.901   1.00 25.53 ? 45  HOH A O     1 
HETATM 567 O O     . HOH G 5 .  ? 3.831   -0.017  9.014   1.00 32.71 ? 46  HOH A O     1 
HETATM 568 O O     . HOH G 5 .  ? -3.600  9.356   -1.870  1.00 32.79 ? 47  HOH A O     1 
HETATM 569 O O     . HOH G 5 .  ? 8.986   -1.991  -8.164  1.00 25.13 ? 48  HOH A O     1 
HETATM 570 O O     . HOH G 5 .  ? -4.171  -5.783  -5.363  1.00 33.98 ? 49  HOH A O     1 
HETATM 571 O O     . HOH G 5 .  ? -12.654 1.474   -2.395  1.00 28.47 ? 50  HOH A O     1 
HETATM 572 O O     . HOH G 5 .  ? -7.392  10.449  0.391   1.00 29.91 ? 51  HOH A O     1 
HETATM 573 O O     . HOH G 5 .  ? 10.770  -2.761  -5.712  1.00 36.64 ? 52  HOH A O     1 
HETATM 574 O O     . HOH G 5 .  ? 4.503   7.336   0.738   1.00 35.17 ? 53  HOH A O     1 
HETATM 575 O O     . HOH G 5 .  ? -3.323  -2.055  -2.494  1.00 52.19 ? 54  HOH A O     1 
HETATM 576 O O     . HOH G 5 .  ? 13.083  4.709   -1.942  1.00 32.63 ? 55  HOH A O     1 
HETATM 577 O O     . HOH G 5 .  ? -4.199  4.534   -4.786  1.00 37.54 ? 56  HOH A O     1 
HETATM 578 O O     . HOH G 5 .  ? -3.729  -2.306  -7.123  1.00 35.05 ? 57  HOH A O     1 
HETATM 579 O O     . HOH G 5 .  ? -0.224  1.204   10.110  1.00 48.83 ? 58  HOH A O     1 
HETATM 580 O O     . HOH G 5 .  ? -11.049 2.967   -7.323  1.00 30.59 ? 59  HOH A O     1 
HETATM 581 O O     . HOH G 5 .  ? 12.892  -5.487  -2.154  1.00 41.76 ? 60  HOH A O     1 
HETATM 582 O O     . HOH G 5 .  ? -0.948  3.685   10.582  1.00 46.67 ? 61  HOH A O     1 
HETATM 583 O O     . HOH G 5 .  ? -3.821  0.441   -6.406  1.00 28.29 ? 62  HOH A O     1 
HETATM 584 O O     . HOH G 5 .  ? -9.559  8.122   -1.456  1.00 30.34 ? 63  HOH A O     1 
HETATM 585 O O     . HOH G 5 .  ? -7.350  -5.680  0.910   1.00 37.46 ? 64  HOH A O     1 
HETATM 586 O O     . HOH G 5 .  ? 10.500  -6.257  2.819   1.00 41.40 ? 65  HOH A O     1 
HETATM 587 O O     . HOH G 5 .  ? -7.442  -14.461 -6.126  1.00 32.95 ? 66  HOH A O     1 
HETATM 588 O O     . HOH G 5 .  ? -6.427  -0.448  -10.342 0.50 49.16 ? 67  HOH A O     1 
HETATM 589 O O     . HOH G 5 .  ? -7.542  7.293   -6.227  1.00 48.84 ? 68  HOH A O     1 
HETATM 590 O O     . HOH G 5 .  ? -10.903 6.490   -5.035  1.00 39.58 ? 69  HOH A O     1 
HETATM 591 O O     . HOH G 5 .  ? -5.395  5.064   -6.884  1.00 49.63 ? 70  HOH A O     1 
HETATM 592 O O     . HOH G 5 .  ? -7.171  -8.767  0.258   1.00 37.02 ? 71  HOH A O     1 
HETATM 593 O O     . HOH G 5 .  ? -9.521  -10.140 0.496   1.00 32.34 ? 72  HOH A O     1 
HETATM 594 O O     . HOH G 5 .  ? 16.040  4.389   -5.239  1.00 27.78 ? 73  HOH A O     1 
HETATM 595 O O     . HOH G 5 .  ? -1.611  7.716   -0.722  1.00 39.66 ? 74  HOH A O     1 
HETATM 596 O O     . HOH G 5 .  ? 0.435   3.066   2.143   1.00 51.97 ? 75  HOH A O     1 
HETATM 597 O O     . HOH G 5 .  ? 16.659  -3.580  3.211   1.00 46.87 ? 76  HOH A O     1 
HETATM 598 O O     . HOH G 5 .  ? 17.170  -4.930  0.489   1.00 38.45 ? 77  HOH A O     1 
HETATM 599 O O     . HOH G 5 .  ? 14.352  -4.661  3.166   1.00 38.76 ? 78  HOH A O     1 
HETATM 600 O O     . HOH G 5 .  ? 14.418  -1.442  -10.460 1.00 34.56 ? 79  HOH A O     1 
HETATM 601 O O     . HOH G 5 .  ? -3.267  11.277  4.406   1.00 42.75 ? 80  HOH A O     1 
HETATM 602 O O     . HOH G 5 .  ? -6.901  13.516  5.491   1.00 41.07 ? 81  HOH A O     1 
HETATM 603 O O     . HOH H 5 .  ? -9.805  3.517   9.192   1.00 13.10 ? 26  HOH B O     1 
HETATM 604 O O     . HOH H 5 .  ? -13.846 4.376   7.660   1.00 13.85 ? 27  HOH B O     1 
HETATM 605 O O     . HOH H 5 .  ? -5.939  -5.132  6.358   1.00 16.88 ? 28  HOH B O     1 
HETATM 606 O O     . HOH H 5 .  ? 5.461   5.035   -11.923 1.00 18.09 ? 29  HOH B O     1 
HETATM 607 O O     . HOH H 5 .  ? 5.289   8.867   -12.715 1.00 21.50 ? 30  HOH B O     1 
HETATM 608 O O     . HOH H 5 .  ? -18.038 -2.663  7.351   1.00 25.57 ? 31  HOH B O     1 
HETATM 609 O O     . HOH H 5 .  ? 1.798   -9.935  12.328  1.00 14.01 ? 32  HOH B O     1 
HETATM 610 O O     . HOH H 5 .  ? -6.080  -4.651  3.588   1.00 20.59 ? 33  HOH B O     1 
HETATM 611 O O     . HOH H 5 .  ? -10.036 1.824   13.047  1.00 19.85 ? 34  HOH B O     1 
HETATM 612 O O     . HOH H 5 .  ? 1.716   -7.238  12.874  1.00 17.60 ? 35  HOH B O     1 
HETATM 613 O O     . HOH H 5 .  ? -1.695  -7.530  6.041   1.00 19.35 ? 36  HOH B O     1 
HETATM 614 O O     . HOH H 5 .  ? -4.876  -6.592  8.498   1.00 21.26 ? 37  HOH B O     1 
HETATM 615 O O     . HOH H 5 .  ? 6.086   -4.045  6.041   1.00 31.18 ? 38  HOH B O     1 
HETATM 616 O O     . HOH H 5 .  ? -12.744 -4.778  5.398   1.00 25.54 ? 39  HOH B O     1 
HETATM 617 O O     . HOH H 5 .  ? -3.029  -5.919  3.778   1.00 19.29 ? 40  HOH B O     1 
HETATM 618 O O     . HOH H 5 .  ? 7.135   -7.016  0.490   1.00 38.06 ? 41  HOH B O     1 
HETATM 619 O O     . HOH H 5 .  ? -0.914  -10.633 12.170  1.00 17.84 ? 42  HOH B O     1 
HETATM 620 O O     . HOH H 5 .  ? 5.934   -9.908  -3.007  1.00 29.03 ? 43  HOH B O     1 
HETATM 621 O O     . HOH H 5 .  ? -1.325  -3.657  2.002   1.00 24.77 ? 44  HOH B O     1 
HETATM 622 O O     . HOH H 5 .  ? 7.757   16.820  -6.998  1.00 36.49 ? 45  HOH B O     1 
HETATM 623 O O     . HOH H 5 .  ? -1.948  -10.352 8.068   1.00 28.84 ? 46  HOH B O     1 
HETATM 624 O O     . HOH H 5 .  ? -0.471  -1.599  -0.584  1.00 22.20 ? 47  HOH B O     1 
HETATM 625 O O     . HOH H 5 .  ? -14.703 -3.323  6.837   1.00 30.96 ? 48  HOH B O     1 
HETATM 626 O O     . HOH H 5 .  ? 3.415   3.372   -2.103  1.00 24.17 ? 49  HOH B O     1 
HETATM 627 O O     . HOH H 5 .  ? -8.636  -5.831  5.897   1.00 23.27 ? 50  HOH B O     1 
HETATM 628 O O     . HOH H 5 .  ? 8.367   -4.044  -5.118  1.00 29.33 ? 51  HOH B O     1 
HETATM 629 O O     . HOH H 5 .  ? 5.465   18.143  -4.837  1.00 40.90 ? 52  HOH B O     1 
HETATM 630 O O     . HOH H 5 .  ? -19.790 -0.950  5.449   1.00 26.71 ? 53  HOH B O     1 
HETATM 631 O O     . HOH H 5 .  ? 5.129   -12.395 0.290   1.00 34.12 ? 54  HOH B O     1 
HETATM 632 O O     . HOH H 5 .  ? 0.817   0.594   -2.568  1.00 23.66 ? 55  HOH B O     1 
HETATM 633 O O     . HOH H 5 .  ? 6.490   -0.821  -10.318 1.00 22.38 ? 56  HOH B O     1 
HETATM 634 O O     . HOH H 5 .  ? -2.231  4.685   -7.482  1.00 41.32 ? 57  HOH B O     1 
HETATM 635 O O     . HOH H 5 .  ? -4.415  -1.055  14.716  1.00 29.58 ? 58  HOH B O     1 
HETATM 636 O O     . HOH H 5 .  ? 0.083   -6.172  2.974   1.00 28.21 ? 59  HOH B O     1 
HETATM 637 O O     . HOH H 5 .  ? -19.868 3.231   3.525   1.00 31.79 ? 60  HOH B O     1 
HETATM 638 O O     . HOH H 5 .  ? 10.743  8.607   -2.219  1.00 34.41 ? 61  HOH B O     1 
HETATM 639 O O     . HOH H 5 .  ? 1.526   -1.904  10.715  1.00 38.95 ? 62  HOH B O     1 
HETATM 640 O O     . HOH H 5 .  ? -10.880 -6.638  3.628   1.00 27.18 ? 63  HOH B O     1 
HETATM 641 O O     . HOH H 5 .  ? 7.309   -6.093  -6.400  1.00 28.38 ? 64  HOH B O     1 
HETATM 642 O O     . HOH H 5 .  ? 5.898   12.771  -10.565 1.00 39.04 ? 65  HOH B O     1 
HETATM 643 O O     . HOH H 5 .  ? -0.793  -6.295  0.487   1.00 30.18 ? 66  HOH B O     1 
HETATM 644 O O     . HOH H 5 .  ? 0.366   -1.249  -5.030  1.00 24.13 ? 67  HOH B O     1 
HETATM 645 O O     . HOH H 5 .  ? -0.005  -4.773  -2.362  1.00 30.36 ? 68  HOH B O     1 
HETATM 646 O O     . HOH H 5 .  ? 2.133   2.262   -5.137  1.00 23.50 ? 69  HOH B O     1 
HETATM 647 O O     . HOH H 5 .  ? -1.980  -2.260  -9.742  1.00 27.33 ? 70  HOH B O     1 
HETATM 648 O O     . HOH H 5 .  ? 2.319   7.727   -4.979  1.00 32.73 ? 71  HOH B O     1 
HETATM 649 O O     . HOH H 5 .  ? 9.761   -5.217  -3.214  1.00 34.51 ? 72  HOH B O     1 
HETATM 650 O O     . HOH H 5 .  ? 6.837   8.660   -1.664  1.00 30.35 ? 73  HOH B O     1 
HETATM 651 O O     . HOH H 5 .  ? -0.141  -8.560  -5.733  1.00 32.51 ? 74  HOH B O     1 
HETATM 652 O O     . HOH H 5 .  ? -4.662  -4.572  1.353   1.00 31.91 ? 75  HOH B O     1 
HETATM 653 O O     . HOH H 5 .  ? -13.738 2.867   3.447   1.00 34.71 ? 76  HOH B O     1 
HETATM 654 O O     . HOH H 5 .  ? -22.341 2.836   2.421   1.00 42.40 ? 77  HOH B O     1 
HETATM 655 O O     . HOH H 5 .  ? 7.836   11.197  -1.541  1.00 37.70 ? 78  HOH B O     1 
HETATM 656 O O     . HOH H 5 .  ? 2.704   6.307   -2.674  1.00 38.88 ? 79  HOH B O     1 
HETATM 657 O O     . HOH H 5 .  ? -8.284  -6.755  3.095   1.00 33.37 ? 80  HOH B O     1 
HETATM 658 O O     . HOH H 5 .  ? 4.659   9.466   -2.367  1.00 41.96 ? 81  HOH B O     1 
HETATM 659 O O     . HOH H 5 .  ? -1.146  -7.398  -3.317  1.00 35.69 ? 82  HOH B O     1 
HETATM 660 O O     . HOH H 5 .  ? -3.558  -10.267 5.805   1.00 40.67 ? 83  HOH B O     1 
HETATM 661 O O     . HOH H 5 .  ? -1.677  1.936   -3.191  1.00 31.07 ? 84  HOH B O     1 
HETATM 662 O O     . HOH H 5 .  ? -15.724 -2.904  10.105  1.00 36.79 ? 85  HOH B O     1 
HETATM 663 O O     . HOH H 5 .  ? 0.848   5.230   -1.066  1.00 38.41 ? 86  HOH B O     1 
HETATM 664 O O     . HOH H 5 .  ? -8.788  -4.620  8.936   1.00 42.08 ? 87  HOH B O     1 
HETATM 665 O O     . HOH H 5 .  ? -1.164  -0.877  -3.020  1.00 43.76 ? 88  HOH B O     1 
HETATM 666 O O     . HOH H 5 .  ? 4.572   -6.399  -9.093  1.00 34.94 ? 89  HOH B O     1 
HETATM 667 O O     . HOH H 5 .  ? -0.845  -4.272  -10.921 1.00 42.05 ? 90  HOH B O     1 
HETATM 668 O O     . HOH H 5 .  ? -15.427 4.779   3.260   1.00 27.82 ? 91  HOH B O     1 
HETATM 669 O O     . HOH H 5 .  ? -11.783 0.570   14.342  1.00 29.98 ? 92  HOH B O     1 
HETATM 670 O O     . HOH H 5 .  ? -1.155  -5.414  -8.656  1.00 39.30 ? 93  HOH B O     1 
HETATM 671 O O     . HOH H 5 .  ? 5.202   6.065   -2.180  1.00 35.67 ? 94  HOH B O     1 
HETATM 672 O O     . HOH H 5 .  ? -22.463 0.333   3.313   1.00 35.29 ? 95  HOH B O     1 
HETATM 673 O O     . HOH H 5 .  ? -21.852 -2.520  5.557   1.00 45.84 ? 96  HOH B O     1 
HETATM 674 O O     . HOH H 5 .  ? 0.641   9.927   -2.394  1.00 46.07 ? 97  HOH B O     1 
HETATM 675 O O     . HOH H 5 .  ? -0.627  -7.570  14.449  1.00 36.21 ? 98  HOH B O     1 
HETATM 676 O O     . HOH H 5 .  ? -1.666  -9.629  -7.651  1.00 40.58 ? 99  HOH B O     1 
HETATM 677 O O     . HOH H 5 .  ? 3.723   12.980  -12.829 1.00 50.39 ? 100 HOH B O     1 
HETATM 678 O O     . HOH H 5 .  ? -4.540  5.193   -10.490 1.00 31.99 ? 101 HOH B O     1 
HETATM 679 O O     . HOH H 5 .  ? -15.152 -0.801  -4.164  1.00 38.39 ? 102 HOH B O     1 
HETATM 680 O O     . HOH H 5 .  ? -0.309  -15.058 2.940   1.00 33.76 ? 103 HOH B O     1 
HETATM 681 O O     . HOH H 5 .  ? 3.085   -17.904 2.212   1.00 43.14 ? 104 HOH B O     1 
HETATM 682 O O     . HOH H 5 .  ? 3.519   -12.252 -1.788  1.00 42.38 ? 105 HOH B O     1 
HETATM 683 O O     . HOH H 5 .  ? 1.312   4.639   -4.926  1.00 32.61 ? 106 HOH B O     1 
HETATM 684 O O     . HOH H 5 .  ? -1.940  2.168   -5.814  1.00 43.86 ? 107 HOH B O     1 
HETATM 685 O O     . HOH H 5 .  ? -2.846  -0.024  -8.755  1.00 44.80 ? 108 HOH B O     1 
HETATM 686 O O     . HOH H 5 .  ? 6.727   6.699   -0.298  1.00 60.72 ? 109 HOH B O     1 
HETATM 687 O O     . HOH H 5 .  ? 10.823  10.882  0.994   1.00 62.15 ? 110 HOH B O     1 
HETATM 688 O O     . HOH H 5 .  ? 3.685   11.296  -3.417  1.00 50.27 ? 111 HOH B O     1 
HETATM 689 O O     . HOH H 5 .  ? -21.042 -5.412  7.325   1.00 41.95 ? 112 HOH B O     1 
HETATM 690 O O     . HOH H 5 .  ? 0.418   -11.623 0.916   1.00 42.49 ? 113 HOH B O     1 
HETATM 691 O O     . HOH H 5 .  ? -2.609  -10.029 3.232   1.00 38.95 ? 114 HOH B O     1 
HETATM 692 O O     . HOH H 5 .  ? -4.174  -7.837  2.695   1.00 42.50 ? 115 HOH B O     1 
HETATM 693 O O     . HOH H 5 .  ? -16.366 2.697   -2.153  1.00 42.49 ? 116 HOH B O     1 
HETATM 694 O O     . HOH H 5 .  ? 1.725   -16.090 2.187   1.00 41.42 ? 117 HOH B O     1 
# 
